data_2KWT
#
_entry.id   2KWT
#
_entity_poly.entity_id   1
_entity_poly.type   'polypeptide(L)'
_entity_poly.pdbx_seq_one_letter_code
;KLFLARLIWWLQYFITRAEAHLQVWIPPLNVRG
;
_entity_poly.pdbx_strand_id   A
#
# COMPACT_ATOMS: atom_id res chain seq x y z
N LYS A 1 -0.07 4.18 24.40
CA LYS A 1 -1.30 4.30 25.23
C LYS A 1 -1.61 5.78 25.55
N LEU A 2 -1.56 6.64 24.55
CA LEU A 2 -1.83 8.10 24.75
C LEU A 2 -1.94 8.80 23.39
N PHE A 3 -3.12 9.22 23.00
CA PHE A 3 -3.36 9.92 21.69
C PHE A 3 -3.04 9.00 20.49
N LEU A 4 -3.85 9.05 19.46
CA LEU A 4 -3.64 8.19 18.25
C LEU A 4 -3.53 6.71 18.65
N ALA A 5 -2.70 5.92 17.99
CA ALA A 5 -2.54 4.45 18.33
C ALA A 5 -3.85 3.66 18.13
N ARG A 6 -4.77 4.17 17.33
CA ARG A 6 -6.06 3.47 17.09
C ARG A 6 -6.27 3.32 15.59
N LEU A 7 -6.28 4.41 14.86
CA LEU A 7 -6.47 4.34 13.37
C LEU A 7 -5.15 3.98 12.65
N ILE A 8 -4.03 3.89 13.36
CA ILE A 8 -2.72 3.54 12.72
C ILE A 8 -2.88 2.26 11.88
N TRP A 9 -3.54 1.25 12.41
CA TRP A 9 -3.74 -0.01 11.64
C TRP A 9 -4.55 0.26 10.35
N TRP A 10 -5.57 1.07 10.43
CA TRP A 10 -6.40 1.39 9.23
C TRP A 10 -5.53 2.06 8.15
N LEU A 11 -4.64 2.95 8.56
CA LEU A 11 -3.73 3.63 7.58
C LEU A 11 -2.82 2.59 6.92
N GLN A 12 -2.25 1.69 7.70
CA GLN A 12 -1.36 0.63 7.13
C GLN A 12 -2.15 -0.23 6.13
N TYR A 13 -3.39 -0.54 6.44
CA TYR A 13 -4.24 -1.37 5.52
C TYR A 13 -4.29 -0.73 4.13
N PHE A 14 -4.38 0.58 4.07
CA PHE A 14 -4.43 1.28 2.74
C PHE A 14 -3.03 1.37 2.11
N ILE A 15 -1.99 1.53 2.91
CA ILE A 15 -0.60 1.62 2.34
C ILE A 15 -0.28 0.33 1.58
N THR A 16 -0.57 -0.82 2.16
CA THR A 16 -0.30 -2.12 1.48
C THR A 16 -1.18 -2.23 0.22
N ARG A 17 -2.42 -1.80 0.29
CA ARG A 17 -3.33 -1.86 -0.89
C ARG A 17 -2.76 -0.94 -1.99
N ALA A 18 -2.37 0.26 -1.62
CA ALA A 18 -1.79 1.23 -2.62
C ALA A 18 -0.52 0.65 -3.23
N GLU A 19 0.36 0.09 -2.42
CA GLU A 19 1.64 -0.51 -2.94
C GLU A 19 1.33 -1.63 -3.94
N ALA A 20 0.31 -2.42 -3.69
CA ALA A 20 -0.05 -3.53 -4.62
C ALA A 20 -0.42 -2.95 -6.00
N HIS A 21 -1.14 -1.86 -6.02
CA HIS A 21 -1.53 -1.22 -7.31
C HIS A 21 -0.32 -0.48 -7.92
N LEU A 22 0.63 -0.08 -7.10
CA LEU A 22 1.85 0.64 -7.61
C LEU A 22 2.73 -0.30 -8.45
N GLN A 23 2.73 -1.58 -8.16
CA GLN A 23 3.58 -2.53 -8.96
C GLN A 23 2.82 -3.09 -10.18
N VAL A 24 1.97 -2.30 -10.80
CA VAL A 24 1.19 -2.77 -11.99
C VAL A 24 1.74 -2.17 -13.30
N TRP A 25 2.49 -1.10 -13.22
CA TRP A 25 3.05 -0.45 -14.45
C TRP A 25 4.57 -0.65 -14.58
N ILE A 26 5.17 -1.47 -13.74
CA ILE A 26 6.66 -1.70 -13.83
C ILE A 26 7.00 -2.69 -14.96
N PRO A 27 7.97 -2.33 -15.78
CA PRO A 27 8.40 -3.21 -16.91
C PRO A 27 9.36 -4.32 -16.41
N PRO A 28 8.99 -5.56 -16.64
CA PRO A 28 9.84 -6.71 -16.21
C PRO A 28 11.08 -6.84 -17.11
N LEU A 29 12.26 -6.87 -16.51
CA LEU A 29 13.54 -6.98 -17.29
C LEU A 29 13.67 -5.81 -18.28
N ASN A 30 13.58 -4.60 -17.79
CA ASN A 30 13.68 -3.40 -18.68
C ASN A 30 15.11 -2.84 -18.68
N VAL A 31 15.77 -2.84 -17.53
CA VAL A 31 17.17 -2.31 -17.45
C VAL A 31 18.19 -3.34 -17.97
N ARG A 32 19.26 -2.89 -18.56
CA ARG A 32 20.31 -3.82 -19.10
C ARG A 32 21.09 -4.47 -17.95
N GLY A 33 21.28 -3.75 -16.86
CA GLY A 33 22.04 -4.30 -15.70
C GLY A 33 23.17 -3.35 -15.34
N LYS A 1 -10.14 -2.98 18.76
CA LYS A 1 -8.79 -3.01 18.13
C LYS A 1 -8.91 -3.26 16.61
N LEU A 2 -7.80 -3.27 15.91
CA LEU A 2 -7.77 -3.48 14.42
C LEU A 2 -8.61 -2.40 13.72
N PHE A 3 -8.52 -1.18 14.18
CA PHE A 3 -9.28 -0.03 13.57
C PHE A 3 -8.83 1.30 14.18
N LEU A 4 -8.75 1.39 15.49
CA LEU A 4 -8.33 2.66 16.16
C LEU A 4 -6.78 2.75 16.22
N ALA A 5 -6.18 2.87 17.39
CA ALA A 5 -4.69 2.98 17.51
C ALA A 5 -4.23 4.17 16.66
N ARG A 6 -4.81 5.34 16.88
CA ARG A 6 -4.45 6.55 16.08
C ARG A 6 -4.64 6.23 14.59
N LEU A 7 -5.61 5.39 14.29
CA LEU A 7 -5.93 4.95 12.91
C LEU A 7 -4.71 4.25 12.26
N ILE A 8 -3.84 3.65 13.06
CA ILE A 8 -2.63 2.95 12.50
C ILE A 8 -3.07 1.73 11.65
N TRP A 9 -3.92 0.90 12.20
CA TRP A 9 -4.39 -0.31 11.44
C TRP A 9 -4.95 0.09 10.06
N TRP A 10 -5.75 1.13 10.01
CA TRP A 10 -6.33 1.58 8.70
C TRP A 10 -5.25 2.23 7.82
N LEU A 11 -4.53 3.20 8.33
CA LEU A 11 -3.45 3.87 7.52
C LEU A 11 -2.44 2.82 7.02
N GLN A 12 -2.07 1.89 7.88
CA GLN A 12 -1.09 0.83 7.48
C GLN A 12 -1.70 -0.09 6.40
N TYR A 13 -2.89 -0.61 6.63
CA TYR A 13 -3.54 -1.51 5.61
C TYR A 13 -3.85 -0.75 4.32
N PHE A 14 -4.33 0.47 4.40
CA PHE A 14 -4.65 1.26 3.16
C PHE A 14 -3.38 1.49 2.33
N ILE A 15 -2.26 1.76 2.97
CA ILE A 15 -0.98 1.99 2.21
C ILE A 15 -0.56 0.65 1.55
N THR A 16 -0.67 -0.45 2.26
CA THR A 16 -0.29 -1.79 1.68
C THR A 16 -1.11 -2.01 0.39
N ARG A 17 -2.40 -1.70 0.43
CA ARG A 17 -3.28 -1.87 -0.76
C ARG A 17 -2.78 -0.96 -1.90
N ALA A 18 -2.39 0.25 -1.57
CA ALA A 18 -1.88 1.21 -2.61
C ALA A 18 -0.63 0.63 -3.29
N GLU A 19 0.27 0.05 -2.51
CA GLU A 19 1.51 -0.55 -3.07
C GLU A 19 1.14 -1.75 -3.98
N ALA A 20 0.12 -2.50 -3.63
CA ALA A 20 -0.30 -3.67 -4.47
C ALA A 20 -0.59 -3.19 -5.91
N HIS A 21 -1.03 -1.96 -6.05
CA HIS A 21 -1.33 -1.40 -7.41
C HIS A 21 -0.13 -0.57 -7.90
N LEU A 22 0.50 0.17 -7.01
CA LEU A 22 1.69 1.00 -7.39
C LEU A 22 2.86 0.14 -7.87
N GLN A 23 3.05 -1.03 -7.29
CA GLN A 23 4.17 -1.93 -7.72
C GLN A 23 3.90 -2.57 -9.08
N VAL A 24 2.67 -2.88 -9.36
CA VAL A 24 2.30 -3.50 -10.68
C VAL A 24 2.08 -2.40 -11.72
N TRP A 25 1.32 -1.41 -11.38
CA TRP A 25 1.04 -0.28 -12.32
C TRP A 25 1.79 0.98 -11.86
N ILE A 26 2.84 1.34 -12.55
CA ILE A 26 3.63 2.56 -12.15
C ILE A 26 3.48 3.67 -13.22
N PRO A 27 2.71 4.69 -12.87
CA PRO A 27 2.48 5.84 -13.79
C PRO A 27 3.75 6.66 -14.13
N PRO A 28 4.66 6.90 -13.18
CA PRO A 28 5.88 7.67 -13.51
C PRO A 28 6.81 6.87 -14.44
N LEU A 29 7.69 7.56 -15.13
CA LEU A 29 8.64 6.86 -16.06
C LEU A 29 10.04 6.79 -15.42
N ASN A 30 10.10 6.36 -14.18
CA ASN A 30 11.42 6.26 -13.47
C ASN A 30 12.27 5.10 -14.03
N VAL A 31 11.64 4.03 -14.46
CA VAL A 31 12.42 2.87 -15.01
C VAL A 31 12.92 3.17 -16.43
N ARG A 32 14.14 2.77 -16.74
CA ARG A 32 14.71 3.01 -18.10
C ARG A 32 14.25 1.93 -19.08
N GLY A 33 14.04 2.31 -20.33
CA GLY A 33 13.58 1.32 -21.36
C GLY A 33 12.82 2.05 -22.47
N LYS A 1 -3.36 -0.84 28.15
CA LYS A 1 -2.89 -1.98 27.29
C LYS A 1 -3.83 -2.17 26.10
N LEU A 2 -3.30 -2.68 25.00
CA LEU A 2 -4.12 -2.91 23.75
C LEU A 2 -4.77 -1.60 23.26
N PHE A 3 -3.96 -0.59 23.02
CA PHE A 3 -4.51 0.73 22.55
C PHE A 3 -4.10 0.99 21.08
N LEU A 4 -2.86 0.71 20.73
CA LEU A 4 -2.40 0.94 19.32
C LEU A 4 -2.85 -0.23 18.42
N ALA A 5 -2.21 -0.41 17.27
CA ALA A 5 -2.57 -1.51 16.32
C ALA A 5 -3.98 -1.36 15.72
N ARG A 6 -4.61 -0.21 15.89
CA ARG A 6 -5.98 0.01 15.32
C ARG A 6 -5.92 1.22 14.39
N LEU A 7 -5.58 2.38 14.92
CA LEU A 7 -5.48 3.61 14.07
C LEU A 7 -4.36 3.42 13.03
N ILE A 8 -3.29 2.75 13.41
CA ILE A 8 -2.16 2.52 12.45
C ILE A 8 -2.55 1.39 11.48
N TRP A 9 -3.28 0.41 11.96
CA TRP A 9 -3.71 -0.72 11.08
C TRP A 9 -4.56 -0.19 9.92
N TRP A 10 -5.51 0.69 10.20
CA TRP A 10 -6.37 1.25 9.12
C TRP A 10 -5.49 2.07 8.15
N LEU A 11 -4.60 2.88 8.69
CA LEU A 11 -3.68 3.70 7.83
C LEU A 11 -2.79 2.76 7.00
N GLN A 12 -2.22 1.76 7.63
CA GLN A 12 -1.35 0.79 6.90
C GLN A 12 -2.19 0.10 5.81
N TYR A 13 -3.37 -0.37 6.15
CA TYR A 13 -4.27 -1.05 5.15
C TYR A 13 -4.40 -0.19 3.88
N PHE A 14 -4.66 1.09 4.04
CA PHE A 14 -4.78 2.00 2.85
C PHE A 14 -3.44 2.08 2.11
N ILE A 15 -2.36 2.30 2.83
CA ILE A 15 -1.01 2.39 2.20
C ILE A 15 -0.64 1.05 1.53
N THR A 16 -0.86 -0.06 2.22
CA THR A 16 -0.54 -1.41 1.64
C THR A 16 -1.32 -1.63 0.34
N ARG A 17 -2.59 -1.28 0.30
CA ARG A 17 -3.40 -1.47 -0.94
C ARG A 17 -2.78 -0.66 -2.09
N ALA A 18 -2.38 0.56 -1.81
CA ALA A 18 -1.75 1.42 -2.88
C ALA A 18 -0.44 0.78 -3.37
N GLU A 19 0.39 0.30 -2.46
CA GLU A 19 1.67 -0.33 -2.90
C GLU A 19 1.40 -1.71 -3.53
N ALA A 20 0.39 -2.42 -3.05
CA ALA A 20 0.05 -3.77 -3.63
C ALA A 20 -0.37 -3.61 -5.09
N HIS A 21 -0.94 -2.48 -5.47
CA HIS A 21 -1.35 -2.28 -6.90
C HIS A 21 -0.09 -2.49 -7.78
N LEU A 22 1.07 -2.16 -7.24
CA LEU A 22 2.34 -2.35 -8.00
C LEU A 22 3.11 -3.56 -7.47
N GLN A 23 2.55 -4.76 -7.63
CA GLN A 23 3.18 -6.06 -7.18
C GLN A 23 2.96 -6.38 -5.70
N VAL A 24 1.71 -6.39 -5.25
CA VAL A 24 1.34 -6.71 -3.82
C VAL A 24 2.37 -6.25 -2.77
N TRP A 25 3.00 -5.11 -2.96
CA TRP A 25 4.02 -4.61 -1.99
C TRP A 25 5.19 -5.60 -1.88
N ILE A 26 5.90 -5.81 -2.97
CA ILE A 26 7.06 -6.77 -2.96
C ILE A 26 8.31 -6.14 -2.32
N PRO A 27 8.95 -6.87 -1.43
CA PRO A 27 10.17 -6.36 -0.73
C PRO A 27 11.43 -6.54 -1.62
N PRO A 28 12.09 -5.44 -1.92
CA PRO A 28 13.32 -5.49 -2.77
C PRO A 28 14.54 -5.93 -1.94
N LEU A 29 15.27 -6.92 -2.41
CA LEU A 29 16.48 -7.40 -1.68
C LEU A 29 17.55 -7.89 -2.66
N ASN A 30 18.01 -7.02 -3.53
CA ASN A 30 19.04 -7.40 -4.54
C ASN A 30 20.45 -7.40 -3.91
N VAL A 31 20.72 -6.50 -2.99
CA VAL A 31 22.07 -6.45 -2.36
C VAL A 31 22.22 -7.56 -1.30
N ARG A 32 23.33 -8.24 -1.29
CA ARG A 32 23.57 -9.34 -0.31
C ARG A 32 25.01 -9.28 0.23
N GLY A 33 25.19 -9.43 1.52
CA GLY A 33 26.56 -9.38 2.11
C GLY A 33 26.61 -8.31 3.20
N LYS A 1 -7.44 6.23 25.39
CA LYS A 1 -7.49 5.63 24.03
C LYS A 1 -8.51 6.41 23.17
N LEU A 2 -8.02 7.24 22.28
CA LEU A 2 -8.93 8.05 21.38
C LEU A 2 -8.13 8.69 20.24
N PHE A 3 -8.79 8.97 19.13
CA PHE A 3 -8.14 9.60 17.93
C PHE A 3 -7.11 8.68 17.27
N LEU A 4 -6.07 8.30 17.97
CA LEU A 4 -5.02 7.39 17.37
C LEU A 4 -5.42 5.92 17.58
N ALA A 5 -4.49 5.00 17.43
CA ALA A 5 -4.76 3.53 17.61
C ALA A 5 -5.66 2.99 16.48
N ARG A 6 -6.91 3.43 16.43
CA ARG A 6 -7.85 2.96 15.37
C ARG A 6 -7.31 3.35 13.98
N LEU A 7 -6.69 4.50 13.88
CA LEU A 7 -6.13 4.97 12.57
C LEU A 7 -4.67 4.49 12.38
N ILE A 8 -4.30 3.36 12.96
CA ILE A 8 -2.90 2.85 12.79
C ILE A 8 -2.95 1.69 11.80
N TRP A 9 -3.71 0.66 12.11
CA TRP A 9 -3.82 -0.50 11.16
C TRP A 9 -4.61 -0.10 9.92
N TRP A 10 -5.59 0.79 10.05
CA TRP A 10 -6.38 1.23 8.86
C TRP A 10 -5.45 2.01 7.92
N LEU A 11 -4.70 2.94 8.47
CA LEU A 11 -3.75 3.74 7.62
C LEU A 11 -2.70 2.80 7.01
N GLN A 12 -2.23 1.85 7.80
CA GLN A 12 -1.21 0.87 7.29
C GLN A 12 -1.83 0.09 6.12
N TYR A 13 -3.00 -0.48 6.31
CA TYR A 13 -3.68 -1.24 5.21
C TYR A 13 -3.89 -0.36 3.99
N PHE A 14 -4.23 0.90 4.17
CA PHE A 14 -4.44 1.81 3.00
C PHE A 14 -3.13 1.90 2.20
N ILE A 15 -2.02 2.11 2.87
CA ILE A 15 -0.69 2.19 2.18
C ILE A 15 -0.36 0.81 1.58
N THR A 16 -0.59 -0.25 2.33
CA THR A 16 -0.30 -1.62 1.81
C THR A 16 -1.11 -1.87 0.52
N ARG A 17 -2.36 -1.48 0.51
CA ARG A 17 -3.22 -1.67 -0.71
C ARG A 17 -2.63 -0.87 -1.87
N ALA A 18 -2.25 0.37 -1.63
CA ALA A 18 -1.66 1.22 -2.71
C ALA A 18 -0.40 0.53 -3.30
N GLU A 19 0.39 -0.09 -2.44
CA GLU A 19 1.62 -0.80 -2.91
C GLU A 19 1.22 -1.96 -3.84
N ALA A 20 0.16 -2.68 -3.49
CA ALA A 20 -0.32 -3.82 -4.35
C ALA A 20 -0.75 -3.26 -5.71
N HIS A 21 -1.38 -2.09 -5.73
CA HIS A 21 -1.82 -1.47 -7.02
C HIS A 21 -0.59 -1.15 -7.89
N LEU A 22 0.49 -0.73 -7.27
CA LEU A 22 1.74 -0.40 -8.03
C LEU A 22 2.45 -1.69 -8.45
N GLN A 23 2.43 -2.71 -7.62
CA GLN A 23 3.08 -4.00 -7.95
C GLN A 23 2.28 -4.76 -9.03
N VAL A 24 2.80 -5.88 -9.47
CA VAL A 24 2.12 -6.72 -10.51
C VAL A 24 1.94 -5.95 -11.85
N TRP A 25 2.66 -4.87 -12.05
CA TRP A 25 2.52 -4.09 -13.33
C TRP A 25 3.83 -4.20 -14.12
N ILE A 26 4.96 -3.96 -13.48
CA ILE A 26 6.27 -4.06 -14.18
C ILE A 26 6.85 -5.48 -14.00
N PRO A 27 7.15 -6.13 -15.10
CA PRO A 27 7.72 -7.50 -15.07
C PRO A 27 9.21 -7.48 -14.66
N PRO A 28 9.58 -8.36 -13.76
CA PRO A 28 11.00 -8.44 -13.29
C PRO A 28 11.91 -9.11 -14.34
N LEU A 29 11.53 -10.27 -14.84
CA LEU A 29 12.37 -10.97 -15.87
C LEU A 29 11.54 -12.03 -16.64
N ASN A 30 10.28 -11.74 -16.91
CA ASN A 30 9.42 -12.72 -17.66
C ASN A 30 8.67 -12.02 -18.80
N VAL A 31 9.30 -11.08 -19.46
CA VAL A 31 8.63 -10.35 -20.58
C VAL A 31 9.50 -10.47 -21.86
N ARG A 32 9.30 -11.54 -22.60
CA ARG A 32 10.07 -11.79 -23.87
C ARG A 32 11.58 -11.91 -23.62
N GLY A 33 12.28 -10.80 -23.48
CA GLY A 33 13.76 -10.85 -23.23
C GLY A 33 14.46 -9.80 -24.09
N LYS A 1 -12.11 0.04 26.25
CA LYS A 1 -12.16 0.48 24.81
C LYS A 1 -10.77 0.92 24.35
N LEU A 2 -10.56 0.98 23.04
CA LEU A 2 -9.24 1.41 22.49
C LEU A 2 -9.42 2.65 21.61
N PHE A 3 -8.65 3.69 21.88
CA PHE A 3 -8.75 4.94 21.07
C PHE A 3 -7.83 4.83 19.85
N LEU A 4 -6.66 4.26 20.02
CA LEU A 4 -5.69 4.12 18.89
C LEU A 4 -5.85 2.73 18.25
N ALA A 5 -4.92 2.32 17.42
CA ALA A 5 -4.97 0.98 16.74
C ALA A 5 -6.25 0.82 15.88
N ARG A 6 -6.86 1.91 15.49
CA ARG A 6 -8.10 1.86 14.64
C ARG A 6 -7.96 2.89 13.52
N LEU A 7 -7.90 4.15 13.87
CA LEU A 7 -7.75 5.23 12.84
C LEU A 7 -6.35 5.17 12.21
N ILE A 8 -5.37 4.68 12.94
CA ILE A 8 -3.98 4.59 12.40
C ILE A 8 -3.73 3.17 11.86
N TRP A 9 -4.28 2.16 12.50
CA TRP A 9 -4.09 0.75 12.03
C TRP A 9 -4.65 0.58 10.61
N TRP A 10 -5.79 1.17 10.32
CA TRP A 10 -6.37 1.06 8.94
C TRP A 10 -5.38 1.66 7.94
N LEU A 11 -4.77 2.79 8.28
CA LEU A 11 -3.78 3.44 7.37
C LEU A 11 -2.62 2.46 7.12
N GLN A 12 -2.20 1.74 8.14
CA GLN A 12 -1.08 0.75 8.00
C GLN A 12 -1.49 -0.32 6.98
N TYR A 13 -2.71 -0.80 7.06
CA TYR A 13 -3.20 -1.84 6.10
C TYR A 13 -3.34 -1.23 4.69
N PHE A 14 -3.77 0.01 4.62
CA PHE A 14 -3.93 0.70 3.29
C PHE A 14 -2.60 0.78 2.53
N ILE A 15 -1.49 0.81 3.23
CA ILE A 15 -0.15 0.88 2.54
C ILE A 15 0.03 -0.31 1.58
N THR A 16 -0.40 -1.50 1.97
CA THR A 16 -0.26 -2.68 1.06
C THR A 16 -1.18 -2.52 -0.16
N ARG A 17 -2.34 -1.92 0.02
CA ARG A 17 -3.28 -1.70 -1.11
C ARG A 17 -2.65 -0.71 -2.10
N ALA A 18 -2.00 0.32 -1.59
CA ALA A 18 -1.33 1.33 -2.48
C ALA A 18 -0.22 0.66 -3.30
N GLU A 19 0.56 -0.21 -2.67
CA GLU A 19 1.65 -0.91 -3.41
C GLU A 19 1.07 -1.75 -4.55
N ALA A 20 -0.04 -2.42 -4.29
CA ALA A 20 -0.69 -3.25 -5.36
C ALA A 20 -1.12 -2.35 -6.53
N HIS A 21 -1.64 -1.18 -6.23
CA HIS A 21 -2.07 -0.23 -7.31
C HIS A 21 -0.87 0.31 -8.10
N LEU A 22 0.28 0.43 -7.47
CA LEU A 22 1.51 0.95 -8.16
C LEU A 22 1.83 0.12 -9.42
N GLN A 23 1.83 -1.19 -9.31
CA GLN A 23 2.13 -2.04 -10.51
C GLN A 23 0.96 -2.00 -11.51
N VAL A 24 -0.24 -1.83 -11.03
CA VAL A 24 -1.44 -1.78 -11.93
C VAL A 24 -1.55 -0.38 -12.58
N TRP A 25 -0.96 0.62 -11.98
CA TRP A 25 -1.00 2.01 -12.54
C TRP A 25 0.01 2.17 -13.69
N ILE A 26 -0.47 2.42 -14.88
CA ILE A 26 0.43 2.60 -16.06
C ILE A 26 -0.29 3.40 -17.17
N PRO A 27 -0.13 4.71 -17.09
CA PRO A 27 -0.77 5.64 -18.08
C PRO A 27 -0.07 5.56 -19.46
N PRO A 28 -0.82 5.21 -20.48
CA PRO A 28 -0.24 5.10 -21.86
C PRO A 28 -0.10 6.50 -22.50
N LEU A 29 1.03 6.77 -23.12
CA LEU A 29 1.24 8.11 -23.77
C LEU A 29 2.04 7.95 -25.07
N ASN A 30 1.46 7.32 -26.06
CA ASN A 30 2.15 7.11 -27.39
C ASN A 30 2.48 8.47 -28.04
N VAL A 31 1.54 9.38 -28.06
CA VAL A 31 1.79 10.72 -28.67
C VAL A 31 2.42 11.66 -27.62
N ARG A 32 3.67 11.43 -27.29
CA ARG A 32 4.37 12.27 -26.27
C ARG A 32 4.82 13.62 -26.88
N GLY A 33 5.25 13.63 -28.12
CA GLY A 33 5.70 14.90 -28.76
C GLY A 33 7.16 15.15 -28.41
N LYS A 1 -4.24 11.98 24.66
CA LYS A 1 -3.15 12.79 24.01
C LYS A 1 -2.95 12.38 22.55
N LEU A 2 -2.47 13.28 21.73
CA LEU A 2 -2.22 13.02 20.27
C LEU A 2 -3.54 12.84 19.48
N PHE A 3 -3.74 13.65 18.47
CA PHE A 3 -4.99 13.55 17.63
C PHE A 3 -5.03 12.23 16.84
N LEU A 4 -3.89 11.64 16.57
CA LEU A 4 -3.84 10.35 15.81
C LEU A 4 -3.98 9.16 16.79
N ALA A 5 -3.15 8.13 16.67
CA ALA A 5 -3.21 6.93 17.57
C ALA A 5 -4.58 6.22 17.50
N ARG A 6 -5.24 6.31 16.37
CA ARG A 6 -6.58 5.66 16.20
C ARG A 6 -6.71 5.14 14.77
N LEU A 7 -6.63 6.02 13.79
CA LEU A 7 -6.73 5.60 12.36
C LEU A 7 -5.37 5.12 11.81
N ILE A 8 -4.34 5.06 12.65
CA ILE A 8 -2.99 4.59 12.17
C ILE A 8 -3.09 3.15 11.69
N TRP A 9 -3.61 2.27 12.51
CA TRP A 9 -3.75 0.82 12.11
C TRP A 9 -4.56 0.70 10.80
N TRP A 10 -5.59 1.51 10.61
CA TRP A 10 -6.40 1.44 9.35
C TRP A 10 -5.50 1.86 8.17
N LEU A 11 -4.74 2.92 8.33
CA LEU A 11 -3.84 3.39 7.22
C LEU A 11 -2.79 2.30 6.92
N GLN A 12 -2.29 1.64 7.95
CA GLN A 12 -1.27 0.56 7.75
C GLN A 12 -1.89 -0.58 6.92
N TYR A 13 -3.14 -0.88 7.14
CA TYR A 13 -3.83 -1.97 6.36
C TYR A 13 -4.10 -1.48 4.93
N PHE A 14 -4.22 -0.18 4.73
CA PHE A 14 -4.49 0.37 3.36
C PHE A 14 -3.19 0.45 2.53
N ILE A 15 -2.06 0.64 3.18
CA ILE A 15 -0.76 0.74 2.43
C ILE A 15 -0.50 -0.50 1.56
N THR A 16 -0.95 -1.67 1.97
CA THR A 16 -0.73 -2.91 1.13
C THR A 16 -1.43 -2.73 -0.23
N ARG A 17 -2.56 -2.06 -0.25
CA ARG A 17 -3.30 -1.83 -1.52
C ARG A 17 -2.59 -0.72 -2.31
N ALA A 18 -2.11 0.30 -1.62
CA ALA A 18 -1.39 1.43 -2.30
C ALA A 18 -0.15 0.90 -3.04
N GLU A 19 0.56 -0.05 -2.45
CA GLU A 19 1.77 -0.63 -3.13
C GLU A 19 1.33 -1.47 -4.34
N ALA A 20 0.24 -2.22 -4.20
CA ALA A 20 -0.26 -3.06 -5.32
C ALA A 20 -0.62 -2.18 -6.53
N HIS A 21 -1.01 -0.94 -6.33
CA HIS A 21 -1.35 -0.05 -7.49
C HIS A 21 -0.13 0.03 -8.42
N LEU A 22 1.06 0.03 -7.85
CA LEU A 22 2.32 0.07 -8.65
C LEU A 22 2.89 -1.35 -8.78
N GLN A 23 2.03 -2.37 -8.68
CA GLN A 23 2.47 -3.81 -8.79
C GLN A 23 3.64 -4.13 -7.85
N VAL A 24 3.71 -3.44 -6.71
CA VAL A 24 4.79 -3.64 -5.68
C VAL A 24 6.16 -3.97 -6.33
N TRP A 25 6.52 -3.21 -7.37
CA TRP A 25 7.80 -3.39 -8.13
C TRP A 25 8.25 -4.86 -8.20
N ILE A 26 7.34 -5.73 -8.59
CA ILE A 26 7.66 -7.20 -8.71
C ILE A 26 8.76 -7.48 -9.75
N PRO A 27 9.79 -8.21 -9.35
CA PRO A 27 10.91 -8.54 -10.26
C PRO A 27 10.56 -9.74 -11.17
N PRO A 28 10.59 -9.52 -12.47
CA PRO A 28 10.27 -10.62 -13.44
C PRO A 28 11.41 -11.65 -13.54
N LEU A 29 12.65 -11.21 -13.69
CA LEU A 29 13.82 -12.15 -13.78
C LEU A 29 13.60 -13.25 -14.85
N ASN A 30 12.83 -12.97 -15.88
CA ASN A 30 12.55 -13.97 -16.97
C ASN A 30 11.97 -15.28 -16.40
N VAL A 31 11.31 -15.24 -15.26
CA VAL A 31 10.72 -16.47 -14.66
C VAL A 31 9.63 -16.12 -13.62
N ARG A 32 8.51 -16.79 -13.66
CA ARG A 32 7.40 -16.52 -12.69
C ARG A 32 6.83 -17.83 -12.15
N GLY A 33 6.76 -17.97 -10.84
CA GLY A 33 6.21 -19.21 -10.23
C GLY A 33 4.73 -19.01 -9.91
N LYS A 1 -5.37 -6.11 21.11
CA LYS A 1 -5.79 -5.60 19.75
C LYS A 1 -5.62 -4.08 19.68
N LEU A 2 -5.31 -3.56 18.51
CA LEU A 2 -5.13 -2.08 18.35
C LEU A 2 -5.59 -1.63 16.96
N PHE A 3 -6.70 -0.94 16.87
CA PHE A 3 -7.21 -0.46 15.55
C PHE A 3 -7.14 1.07 15.45
N LEU A 4 -6.25 1.67 16.20
CA LEU A 4 -6.10 3.16 16.19
C LEU A 4 -4.61 3.53 16.02
N ALA A 5 -3.87 3.69 17.10
CA ALA A 5 -2.41 4.04 17.01
C ALA A 5 -2.26 5.27 16.09
N ARG A 6 -2.96 6.34 16.38
CA ARG A 6 -2.90 7.57 15.52
C ARG A 6 -3.36 7.21 14.10
N LEU A 7 -4.33 6.31 14.01
CA LEU A 7 -4.90 5.82 12.70
C LEU A 7 -3.85 5.05 11.88
N ILE A 8 -2.83 4.49 12.52
CA ILE A 8 -1.78 3.72 11.77
C ILE A 8 -2.37 2.42 11.24
N TRP A 9 -2.93 1.59 12.11
CA TRP A 9 -3.54 0.29 11.67
C TRP A 9 -4.53 0.53 10.52
N TRP A 10 -5.33 1.57 10.62
CA TRP A 10 -6.32 1.90 9.54
C TRP A 10 -5.57 2.28 8.26
N LEU A 11 -4.59 3.15 8.35
CA LEU A 11 -3.82 3.56 7.14
C LEU A 11 -3.04 2.36 6.59
N GLN A 12 -2.40 1.60 7.45
CA GLN A 12 -1.62 0.39 7.01
C GLN A 12 -2.52 -0.57 6.20
N TYR A 13 -3.77 -0.71 6.60
CA TYR A 13 -4.72 -1.60 5.86
C TYR A 13 -4.79 -1.15 4.40
N PHE A 14 -4.89 0.15 4.18
CA PHE A 14 -4.96 0.68 2.79
C PHE A 14 -3.54 0.77 2.18
N ILE A 15 -2.54 1.04 2.98
CA ILE A 15 -1.13 1.14 2.46
C ILE A 15 -0.75 -0.15 1.72
N THR A 16 -1.03 -1.31 2.29
CA THR A 16 -0.70 -2.60 1.59
C THR A 16 -1.31 -2.60 0.18
N ARG A 17 -2.56 -2.22 0.07
CA ARG A 17 -3.23 -2.17 -1.27
C ARG A 17 -2.60 -1.06 -2.10
N ALA A 18 -2.43 0.12 -1.53
CA ALA A 18 -1.82 1.27 -2.26
C ALA A 18 -0.43 0.88 -2.80
N GLU A 19 0.33 0.12 -2.04
CA GLU A 19 1.68 -0.33 -2.51
C GLU A 19 1.52 -1.24 -3.72
N ALA A 20 0.67 -2.24 -3.65
CA ALA A 20 0.45 -3.15 -4.82
C ALA A 20 0.02 -2.35 -6.05
N HIS A 21 -0.77 -1.30 -5.86
CA HIS A 21 -1.19 -0.44 -7.03
C HIS A 21 0.07 0.12 -7.69
N LEU A 22 1.10 0.36 -6.90
CA LEU A 22 2.40 0.88 -7.42
C LEU A 22 3.41 -0.29 -7.48
N GLN A 23 2.93 -1.49 -7.74
CA GLN A 23 3.80 -2.71 -7.82
C GLN A 23 4.67 -2.84 -6.56
N VAL A 24 4.03 -2.73 -5.40
CA VAL A 24 4.71 -2.83 -4.06
C VAL A 24 6.15 -2.26 -4.09
N TRP A 25 6.24 -0.95 -4.19
CA TRP A 25 7.56 -0.24 -4.22
C TRP A 25 8.36 -0.63 -5.47
N ILE A 26 8.29 0.17 -6.50
CA ILE A 26 9.05 -0.13 -7.77
C ILE A 26 10.46 0.50 -7.73
N PRO A 27 11.48 -0.32 -7.66
CA PRO A 27 12.88 0.18 -7.62
C PRO A 27 13.34 0.93 -8.90
N PRO A 28 13.02 0.44 -10.09
CA PRO A 28 13.45 1.16 -11.33
C PRO A 28 12.68 2.48 -11.48
N LEU A 29 13.05 3.29 -12.45
CA LEU A 29 12.36 4.59 -12.66
C LEU A 29 11.23 4.44 -13.70
N ASN A 30 10.44 3.41 -13.59
CA ASN A 30 9.31 3.17 -14.55
C ASN A 30 8.10 4.06 -14.20
N VAL A 31 7.88 4.35 -12.94
CA VAL A 31 6.72 5.21 -12.53
C VAL A 31 7.22 6.54 -11.96
N ARG A 32 7.25 7.58 -12.75
CA ARG A 32 7.74 8.91 -12.27
C ARG A 32 7.00 10.06 -12.98
N GLY A 33 6.59 11.07 -12.24
CA GLY A 33 5.87 12.22 -12.86
C GLY A 33 6.86 13.36 -13.12
N LYS A 1 -8.51 9.35 27.67
CA LYS A 1 -9.04 9.74 26.33
C LYS A 1 -8.46 8.84 25.24
N LEU A 2 -9.15 8.70 24.13
CA LEU A 2 -8.65 7.84 23.02
C LEU A 2 -7.97 8.72 21.96
N PHE A 3 -6.67 8.65 21.88
CA PHE A 3 -5.91 9.48 20.90
C PHE A 3 -4.94 8.57 20.12
N LEU A 4 -4.89 8.73 18.82
CA LEU A 4 -3.98 7.89 17.95
C LEU A 4 -4.28 6.39 18.16
N ALA A 5 -3.37 5.51 17.79
CA ALA A 5 -3.58 4.04 17.95
C ALA A 5 -4.93 3.60 17.36
N ARG A 6 -5.25 4.10 16.19
CA ARG A 6 -6.55 3.75 15.51
C ARG A 6 -6.43 4.05 14.02
N LEU A 7 -6.12 5.28 13.67
CA LEU A 7 -5.98 5.65 12.22
C LEU A 7 -4.76 4.93 11.61
N ILE A 8 -3.73 4.66 12.39
CA ILE A 8 -2.53 3.96 11.84
C ILE A 8 -2.97 2.55 11.38
N TRP A 9 -3.81 1.91 12.15
CA TRP A 9 -4.32 0.54 11.80
C TRP A 9 -5.02 0.59 10.44
N TRP A 10 -5.85 1.60 10.22
CA TRP A 10 -6.56 1.73 8.92
C TRP A 10 -5.54 2.10 7.83
N LEU A 11 -4.61 2.97 8.16
CA LEU A 11 -3.56 3.39 7.18
C LEU A 11 -2.70 2.17 6.81
N GLN A 12 -2.40 1.33 7.78
CA GLN A 12 -1.57 0.10 7.53
C GLN A 12 -2.33 -0.84 6.56
N TYR A 13 -3.61 -1.01 6.79
CA TYR A 13 -4.43 -1.90 5.88
C TYR A 13 -4.49 -1.32 4.45
N PHE A 14 -4.26 -0.03 4.31
CA PHE A 14 -4.31 0.60 2.94
C PHE A 14 -2.88 0.81 2.38
N ILE A 15 -1.90 1.07 3.22
CA ILE A 15 -0.50 1.28 2.72
C ILE A 15 -0.02 0.08 1.89
N THR A 16 -0.34 -1.14 2.28
CA THR A 16 0.09 -2.34 1.51
C THR A 16 -0.64 -2.34 0.16
N ARG A 17 -1.93 -2.07 0.16
CA ARG A 17 -2.71 -2.03 -1.11
C ARG A 17 -2.23 -0.84 -1.96
N ALA A 18 -1.90 0.27 -1.33
CA ALA A 18 -1.41 1.48 -2.07
C ALA A 18 -0.15 1.14 -2.89
N GLU A 19 0.67 0.23 -2.42
CA GLU A 19 1.91 -0.15 -3.17
C GLU A 19 1.60 -1.28 -4.18
N ALA A 20 0.47 -1.93 -4.05
CA ALA A 20 0.10 -3.04 -4.99
C ALA A 20 -0.77 -2.52 -6.14
N HIS A 21 -1.77 -1.71 -5.85
CA HIS A 21 -2.67 -1.16 -6.91
C HIS A 21 -2.02 0.03 -7.66
N LEU A 22 -0.74 0.30 -7.46
CA LEU A 22 -0.09 1.46 -8.16
C LEU A 22 0.75 0.96 -9.35
N GLN A 23 1.22 -0.26 -9.34
CA GLN A 23 2.04 -0.77 -10.50
C GLN A 23 1.14 -1.31 -11.64
N VAL A 24 0.00 -0.71 -11.87
CA VAL A 24 -0.91 -1.16 -12.97
C VAL A 24 -0.90 -0.18 -14.15
N TRP A 25 -0.06 0.83 -14.11
CA TRP A 25 0.00 1.82 -15.22
C TRP A 25 1.47 2.04 -15.63
N ILE A 26 2.21 0.97 -15.79
CA ILE A 26 3.65 1.07 -16.19
C ILE A 26 3.97 0.06 -17.31
N PRO A 27 4.65 0.52 -18.33
CA PRO A 27 5.01 -0.39 -19.47
C PRO A 27 6.18 -1.32 -19.11
N PRO A 28 5.96 -2.61 -19.25
CA PRO A 28 7.02 -3.61 -18.92
C PRO A 28 8.06 -3.66 -20.04
N LEU A 29 9.31 -3.40 -19.71
CA LEU A 29 10.43 -3.40 -20.72
C LEU A 29 10.16 -2.36 -21.82
N ASN A 30 9.87 -1.14 -21.43
CA ASN A 30 9.59 -0.04 -22.42
C ASN A 30 10.88 0.39 -23.15
N VAL A 31 12.02 0.24 -22.53
CA VAL A 31 13.32 0.64 -23.18
C VAL A 31 14.21 -0.59 -23.40
N ARG A 32 15.42 -0.40 -23.86
CA ARG A 32 16.34 -1.55 -24.10
C ARG A 32 17.11 -1.88 -22.81
N GLY A 33 17.54 -0.88 -22.08
CA GLY A 33 18.31 -1.12 -20.81
C GLY A 33 17.68 -0.31 -19.68
N LYS A 1 2.57 -1.14 25.52
CA LYS A 1 3.10 0.27 25.50
C LYS A 1 2.97 0.85 24.08
N LEU A 2 1.76 1.17 23.67
CA LEU A 2 1.54 1.73 22.30
C LEU A 2 0.60 2.95 22.38
N PHE A 3 1.09 4.12 22.08
CA PHE A 3 0.24 5.35 22.11
C PHE A 3 -0.86 5.25 21.05
N LEU A 4 -0.51 4.85 19.85
CA LEU A 4 -1.52 4.70 18.76
C LEU A 4 -1.60 3.23 18.35
N ALA A 5 -2.58 2.89 17.55
CA ALA A 5 -2.74 1.46 17.10
C ALA A 5 -3.90 1.34 16.10
N ARG A 6 -5.10 1.72 16.50
CA ARG A 6 -6.29 1.64 15.58
C ARG A 6 -6.05 2.49 14.32
N LEU A 7 -5.67 3.74 14.49
CA LEU A 7 -5.41 4.64 13.31
C LEU A 7 -4.24 4.09 12.48
N ILE A 8 -3.27 3.48 13.12
CA ILE A 8 -2.09 2.91 12.37
C ILE A 8 -2.59 1.76 11.48
N TRP A 9 -3.34 0.85 12.05
CA TRP A 9 -3.90 -0.31 11.29
C TRP A 9 -4.67 0.19 10.05
N TRP A 10 -5.51 1.19 10.23
CA TRP A 10 -6.30 1.74 9.08
C TRP A 10 -5.36 2.28 8.00
N LEU A 11 -4.37 3.06 8.39
CA LEU A 11 -3.40 3.61 7.38
C LEU A 11 -2.63 2.46 6.72
N GLN A 12 -2.24 1.47 7.49
CA GLN A 12 -1.50 0.30 6.94
C GLN A 12 -2.38 -0.42 5.90
N TYR A 13 -3.63 -0.64 6.19
CA TYR A 13 -4.53 -1.32 5.21
C TYR A 13 -4.66 -0.50 3.92
N PHE A 14 -4.64 0.82 4.04
CA PHE A 14 -4.75 1.69 2.83
C PHE A 14 -3.43 1.74 2.07
N ILE A 15 -2.32 1.91 2.78
CA ILE A 15 -0.98 1.97 2.11
C ILE A 15 -0.58 0.58 1.58
N THR A 16 -0.81 -0.47 2.34
CA THR A 16 -0.45 -1.85 1.87
C THR A 16 -1.17 -2.15 0.55
N ARG A 17 -2.43 -1.77 0.44
CA ARG A 17 -3.20 -2.02 -0.82
C ARG A 17 -2.69 -1.06 -1.92
N ALA A 18 -2.45 0.18 -1.55
CA ALA A 18 -1.95 1.21 -2.53
C ALA A 18 -0.57 0.81 -3.08
N GLU A 19 0.33 0.35 -2.24
CA GLU A 19 1.69 -0.05 -2.71
C GLU A 19 1.59 -1.27 -3.65
N ALA A 20 0.76 -2.23 -3.32
CA ALA A 20 0.60 -3.44 -4.19
C ALA A 20 -0.04 -3.04 -5.53
N HIS A 21 -1.08 -2.25 -5.49
CA HIS A 21 -1.77 -1.81 -6.75
C HIS A 21 -0.83 -0.97 -7.63
N LEU A 22 0.12 -0.27 -7.05
CA LEU A 22 1.08 0.57 -7.86
C LEU A 22 1.85 -0.28 -8.89
N GLN A 23 1.98 -1.57 -8.67
CA GLN A 23 2.72 -2.43 -9.66
C GLN A 23 1.77 -3.40 -10.39
N VAL A 24 0.48 -3.21 -10.29
CA VAL A 24 -0.48 -4.13 -10.98
C VAL A 24 -1.49 -3.34 -11.85
N TRP A 25 -1.26 -2.07 -12.06
CA TRP A 25 -2.19 -1.24 -12.88
C TRP A 25 -1.59 -0.90 -14.26
N ILE A 26 -0.33 -1.22 -14.50
CA ILE A 26 0.30 -0.90 -15.82
C ILE A 26 0.80 -2.20 -16.52
N PRO A 27 -0.15 -3.00 -16.94
CA PRO A 27 0.16 -4.28 -17.64
C PRO A 27 0.71 -3.99 -19.06
N PRO A 28 1.54 -4.89 -19.56
CA PRO A 28 2.12 -4.71 -20.91
C PRO A 28 1.09 -5.09 -22.00
N LEU A 29 1.22 -6.21 -22.69
CA LEU A 29 0.24 -6.64 -23.75
C LEU A 29 -0.10 -5.49 -24.73
N ASN A 30 0.86 -4.63 -25.04
CA ASN A 30 0.61 -3.49 -25.98
C ASN A 30 -0.53 -2.59 -25.46
N VAL A 31 -0.33 -1.97 -24.33
CA VAL A 31 -1.38 -1.08 -23.74
C VAL A 31 -1.48 0.24 -24.53
N ARG A 32 -2.66 0.81 -24.59
CA ARG A 32 -2.90 2.10 -25.34
C ARG A 32 -2.52 1.95 -26.82
N GLY A 33 -3.34 1.22 -27.56
CA GLY A 33 -3.06 1.01 -29.02
C GLY A 33 -3.53 -0.38 -29.45
N LYS A 1 -7.63 1.48 29.38
CA LYS A 1 -8.00 2.73 28.64
C LYS A 1 -8.11 2.46 27.14
N LEU A 2 -9.05 3.09 26.48
CA LEU A 2 -9.22 2.88 25.01
C LEU A 2 -8.86 4.17 24.25
N PHE A 3 -7.81 4.11 23.46
CA PHE A 3 -7.37 5.32 22.67
C PHE A 3 -6.44 4.90 21.52
N LEU A 4 -6.60 5.50 20.35
CA LEU A 4 -5.74 5.17 19.16
C LEU A 4 -5.80 3.66 18.82
N ALA A 5 -4.79 3.13 18.16
CA ALA A 5 -4.75 1.66 17.80
C ALA A 5 -5.86 1.29 16.78
N ARG A 6 -6.49 2.25 16.16
CA ARG A 6 -7.58 1.96 15.17
C ARG A 6 -7.20 2.59 13.83
N LEU A 7 -7.04 3.90 13.80
CA LEU A 7 -6.66 4.62 12.54
C LEU A 7 -5.28 4.17 12.07
N ILE A 8 -4.40 3.80 12.99
CA ILE A 8 -3.02 3.36 12.59
C ILE A 8 -3.13 2.08 11.74
N TRP A 9 -3.95 1.14 12.16
CA TRP A 9 -4.12 -0.14 11.39
C TRP A 9 -4.80 0.15 10.04
N TRP A 10 -5.81 1.00 10.02
CA TRP A 10 -6.51 1.31 8.73
C TRP A 10 -5.52 1.99 7.77
N LEU A 11 -4.80 2.98 8.24
CA LEU A 11 -3.81 3.69 7.36
C LEU A 11 -2.69 2.73 6.96
N GLN A 12 -2.25 1.87 7.86
CA GLN A 12 -1.16 0.90 7.52
C GLN A 12 -1.69 -0.08 6.46
N TYR A 13 -2.90 -0.56 6.62
CA TYR A 13 -3.47 -1.50 5.60
C TYR A 13 -3.65 -0.74 4.28
N PHE A 14 -4.01 0.52 4.33
CA PHE A 14 -4.19 1.34 3.09
C PHE A 14 -2.84 1.42 2.34
N ILE A 15 -1.75 1.59 3.05
CA ILE A 15 -0.41 1.67 2.38
C ILE A 15 -0.10 0.31 1.71
N THR A 16 -0.54 -0.79 2.31
CA THR A 16 -0.29 -2.14 1.72
C THR A 16 -1.08 -2.23 0.40
N ARG A 17 -2.30 -1.76 0.40
CA ARG A 17 -3.15 -1.80 -0.84
C ARG A 17 -2.61 -0.79 -1.87
N ALA A 18 -2.18 0.37 -1.40
CA ALA A 18 -1.62 1.41 -2.32
C ALA A 18 -0.42 0.86 -3.09
N GLU A 19 0.37 0.01 -2.48
CA GLU A 19 1.56 -0.57 -3.18
C GLU A 19 1.07 -1.66 -4.16
N ALA A 20 0.12 -2.47 -3.76
CA ALA A 20 -0.41 -3.55 -4.68
C ALA A 20 -0.93 -2.94 -5.98
N HIS A 21 -1.46 -1.72 -5.95
CA HIS A 21 -1.96 -1.08 -7.21
C HIS A 21 -0.81 -1.02 -8.22
N LEU A 22 0.40 -0.77 -7.74
CA LEU A 22 1.61 -0.71 -8.61
C LEU A 22 2.33 -2.07 -8.54
N GLN A 23 1.58 -3.15 -8.33
CA GLN A 23 2.15 -4.53 -8.23
C GLN A 23 3.26 -4.58 -7.16
N VAL A 24 3.01 -3.97 -6.02
CA VAL A 24 4.00 -3.93 -4.88
C VAL A 24 5.45 -3.76 -5.38
N TRP A 25 5.70 -2.69 -6.11
CA TRP A 25 7.05 -2.37 -6.68
C TRP A 25 7.57 -3.47 -7.63
N ILE A 26 6.68 -4.22 -8.25
CA ILE A 26 7.11 -5.30 -9.20
C ILE A 26 6.18 -5.24 -10.43
N PRO A 27 6.44 -4.27 -11.27
CA PRO A 27 5.63 -4.06 -12.51
C PRO A 27 5.82 -5.22 -13.50
N PRO A 28 4.80 -5.49 -14.28
CA PRO A 28 4.86 -6.60 -15.30
C PRO A 28 5.76 -6.24 -16.49
N LEU A 29 5.76 -4.99 -16.92
CA LEU A 29 6.61 -4.55 -18.08
C LEU A 29 6.36 -5.44 -19.31
N ASN A 30 5.09 -5.66 -19.63
CA ASN A 30 4.75 -6.51 -20.81
C ASN A 30 5.27 -5.88 -22.12
N VAL A 31 4.94 -4.63 -22.36
CA VAL A 31 5.41 -3.91 -23.59
C VAL A 31 5.08 -4.74 -24.84
N ARG A 32 3.82 -4.78 -25.23
CA ARG A 32 3.40 -5.56 -26.43
C ARG A 32 3.76 -4.82 -27.73
N GLY A 33 3.72 -5.50 -28.84
CA GLY A 33 4.05 -4.87 -30.16
C GLY A 33 2.75 -4.59 -30.90
N LYS A 1 -6.27 12.36 21.03
CA LYS A 1 -5.79 11.53 22.19
C LYS A 1 -5.18 10.22 21.67
N LEU A 2 -4.02 9.87 22.17
CA LEU A 2 -3.31 8.60 21.75
C LEU A 2 -2.86 8.69 20.27
N PHE A 3 -1.61 9.04 20.06
CA PHE A 3 -1.06 9.15 18.66
C PHE A 3 -1.07 7.79 17.95
N LEU A 4 -0.91 6.71 18.69
CA LEU A 4 -0.92 5.35 18.05
C LEU A 4 -2.12 4.53 18.49
N ALA A 5 -2.18 3.28 18.07
CA ALA A 5 -3.29 2.34 18.42
C ALA A 5 -4.61 2.75 17.71
N ARG A 6 -5.16 1.84 16.94
CA ARG A 6 -6.45 2.06 16.18
C ARG A 6 -6.29 3.03 14.99
N LEU A 7 -5.25 3.82 14.92
CA LEU A 7 -5.05 4.76 13.78
C LEU A 7 -3.95 4.25 12.84
N ILE A 8 -3.05 3.43 13.34
CA ILE A 8 -1.95 2.88 12.47
C ILE A 8 -2.50 1.79 11.55
N TRP A 9 -3.23 0.84 12.09
CA TRP A 9 -3.82 -0.25 11.25
C TRP A 9 -4.73 0.33 10.17
N TRP A 10 -5.53 1.32 10.49
CA TRP A 10 -6.45 1.94 9.48
C TRP A 10 -5.62 2.51 8.31
N LEU A 11 -4.51 3.14 8.61
CA LEU A 11 -3.64 3.71 7.53
C LEU A 11 -2.84 2.58 6.85
N GLN A 12 -2.36 1.62 7.63
CA GLN A 12 -1.57 0.48 7.06
C GLN A 12 -2.43 -0.37 6.12
N TYR A 13 -3.68 -0.62 6.46
CA TYR A 13 -4.56 -1.44 5.58
C TYR A 13 -4.71 -0.77 4.19
N PHE A 14 -4.76 0.54 4.17
CA PHE A 14 -4.90 1.27 2.87
C PHE A 14 -3.53 1.45 2.20
N ILE A 15 -2.50 1.75 2.98
CA ILE A 15 -1.13 1.94 2.38
C ILE A 15 -0.63 0.66 1.69
N THR A 16 -0.88 -0.51 2.25
CA THR A 16 -0.41 -1.78 1.59
C THR A 16 -1.13 -1.98 0.25
N ARG A 17 -2.40 -1.61 0.17
CA ARG A 17 -3.16 -1.76 -1.11
C ARG A 17 -2.60 -0.79 -2.15
N ALA A 18 -2.28 0.42 -1.73
CA ALA A 18 -1.72 1.45 -2.68
C ALA A 18 -0.33 1.02 -3.20
N GLU A 19 0.40 0.21 -2.46
CA GLU A 19 1.74 -0.23 -2.93
C GLU A 19 1.60 -1.47 -3.85
N ALA A 20 0.72 -2.38 -3.50
CA ALA A 20 0.50 -3.61 -4.34
C ALA A 20 0.02 -3.27 -5.76
N HIS A 21 -0.98 -2.43 -5.89
CA HIS A 21 -1.48 -2.06 -7.26
C HIS A 21 -0.60 -1.00 -7.95
N LEU A 22 0.49 -0.59 -7.33
CA LEU A 22 1.39 0.44 -7.95
C LEU A 22 2.44 -0.25 -8.84
N GLN A 23 2.83 -1.46 -8.54
CA GLN A 23 3.87 -2.16 -9.38
C GLN A 23 3.23 -2.80 -10.64
N VAL A 24 2.37 -2.09 -11.33
CA VAL A 24 1.72 -2.65 -12.56
C VAL A 24 2.00 -1.76 -13.79
N TRP A 25 2.17 -0.48 -13.60
CA TRP A 25 2.44 0.45 -14.75
C TRP A 25 3.90 0.31 -15.22
N ILE A 26 4.84 0.14 -14.31
CA ILE A 26 6.28 0.00 -14.72
C ILE A 26 6.53 -1.32 -15.46
N PRO A 27 7.18 -1.23 -16.60
CA PRO A 27 7.48 -2.45 -17.43
C PRO A 27 8.51 -3.43 -16.80
N PRO A 28 9.52 -2.96 -16.08
CA PRO A 28 10.52 -3.90 -15.48
C PRO A 28 9.89 -4.73 -14.34
N LEU A 29 9.20 -5.79 -14.68
CA LEU A 29 8.55 -6.68 -13.66
C LEU A 29 8.10 -8.00 -14.30
N ASN A 30 8.88 -8.51 -15.23
CA ASN A 30 8.53 -9.79 -15.91
C ASN A 30 9.32 -10.97 -15.31
N VAL A 31 10.53 -10.72 -14.87
CA VAL A 31 11.37 -11.81 -14.27
C VAL A 31 11.81 -11.41 -12.85
N ARG A 32 11.79 -12.35 -11.93
CA ARG A 32 12.20 -12.06 -10.52
C ARG A 32 13.07 -13.20 -9.98
N GLY A 33 14.16 -13.49 -10.65
CA GLY A 33 15.07 -14.58 -10.20
C GLY A 33 14.94 -15.77 -11.16
N LYS A 1 -4.71 2.09 24.37
CA LYS A 1 -6.19 2.33 24.47
C LYS A 1 -6.48 3.83 24.47
N LEU A 2 -7.69 4.21 24.07
CA LEU A 2 -8.12 5.66 24.03
C LEU A 2 -7.34 6.42 22.94
N PHE A 3 -8.03 6.92 21.93
CA PHE A 3 -7.40 7.68 20.81
C PHE A 3 -6.52 6.77 19.95
N LEU A 4 -6.26 7.16 18.72
CA LEU A 4 -5.42 6.35 17.78
C LEU A 4 -5.98 4.91 17.68
N ALA A 5 -5.15 3.88 17.78
CA ALA A 5 -5.61 2.45 17.68
C ALA A 5 -6.27 2.17 16.32
N ARG A 6 -7.53 2.51 16.15
CA ARG A 6 -8.23 2.27 14.85
C ARG A 6 -7.58 3.11 13.74
N LEU A 7 -7.01 4.25 14.08
CA LEU A 7 -6.34 5.12 13.05
C LEU A 7 -4.92 4.64 12.71
N ILE A 8 -4.44 3.57 13.32
CA ILE A 8 -3.06 3.07 13.02
C ILE A 8 -3.14 1.88 12.04
N TRP A 9 -3.86 0.85 12.42
CA TRP A 9 -3.98 -0.36 11.53
C TRP A 9 -4.68 -0.02 10.21
N TRP A 10 -5.69 0.85 10.22
CA TRP A 10 -6.38 1.20 8.93
C TRP A 10 -5.42 1.93 7.99
N LEU A 11 -4.63 2.85 8.52
CA LEU A 11 -3.66 3.61 7.67
C LEU A 11 -2.65 2.64 7.05
N GLN A 12 -2.17 1.68 7.82
CA GLN A 12 -1.19 0.67 7.28
C GLN A 12 -1.86 -0.09 6.13
N TYR A 13 -3.07 -0.55 6.33
CA TYR A 13 -3.82 -1.31 5.27
C TYR A 13 -3.90 -0.45 3.99
N PHE A 14 -4.21 0.82 4.13
CA PHE A 14 -4.32 1.74 2.95
C PHE A 14 -2.97 1.86 2.23
N ILE A 15 -1.87 1.90 2.96
CA ILE A 15 -0.51 2.01 2.33
C ILE A 15 -0.22 0.74 1.51
N THR A 16 -0.44 -0.42 2.08
CA THR A 16 -0.19 -1.71 1.34
C THR A 16 -1.13 -1.81 0.14
N ARG A 17 -2.37 -1.38 0.27
CA ARG A 17 -3.33 -1.43 -0.87
C ARG A 17 -2.81 -0.58 -2.04
N ALA A 18 -2.20 0.56 -1.74
CA ALA A 18 -1.66 1.45 -2.80
C ALA A 18 -0.44 0.77 -3.47
N GLU A 19 0.43 0.19 -2.69
CA GLU A 19 1.65 -0.49 -3.25
C GLU A 19 1.24 -1.79 -3.96
N ALA A 20 0.27 -2.50 -3.45
CA ALA A 20 -0.19 -3.78 -4.08
C ALA A 20 -0.82 -3.54 -5.46
N HIS A 21 -1.23 -2.32 -5.77
CA HIS A 21 -1.84 -2.03 -7.10
C HIS A 21 -0.83 -1.33 -8.01
N LEU A 22 -0.09 -0.36 -7.50
CA LEU A 22 0.91 0.37 -8.35
C LEU A 22 1.92 -0.59 -9.01
N GLN A 23 2.40 -1.57 -8.26
CA GLN A 23 3.39 -2.54 -8.84
C GLN A 23 2.72 -3.39 -9.94
N VAL A 24 1.43 -3.58 -9.85
CA VAL A 24 0.68 -4.38 -10.87
C VAL A 24 -0.14 -3.42 -11.75
N TRP A 25 0.43 -2.29 -12.12
CA TRP A 25 -0.30 -1.30 -12.97
C TRP A 25 0.66 -0.34 -13.70
N ILE A 26 1.74 0.09 -13.07
CA ILE A 26 2.70 1.04 -13.73
C ILE A 26 3.26 0.47 -15.06
N PRO A 27 3.19 1.27 -16.10
CA PRO A 27 3.68 0.84 -17.44
C PRO A 27 5.20 1.08 -17.58
N PRO A 28 5.95 0.01 -17.79
CA PRO A 28 7.43 0.13 -17.96
C PRO A 28 7.77 0.65 -19.37
N LEU A 29 7.91 1.95 -19.49
CA LEU A 29 8.24 2.55 -20.83
C LEU A 29 9.72 2.96 -20.91
N ASN A 30 10.61 2.15 -20.37
CA ASN A 30 12.07 2.48 -20.42
C ASN A 30 12.84 1.45 -21.26
N VAL A 31 12.17 0.67 -22.08
CA VAL A 31 12.86 -0.35 -22.94
C VAL A 31 12.32 -0.28 -24.37
N ARG A 32 13.16 -0.49 -25.34
CA ARG A 32 12.71 -0.45 -26.77
C ARG A 32 12.07 -1.79 -27.16
N GLY A 33 11.03 -1.76 -27.95
CA GLY A 33 10.34 -3.02 -28.38
C GLY A 33 10.19 -3.02 -29.90
N LYS A 1 -0.90 11.40 25.22
CA LYS A 1 -1.92 12.15 24.44
C LYS A 1 -2.53 11.26 23.35
N LEU A 2 -3.81 11.41 23.10
CA LEU A 2 -4.48 10.57 22.05
C LEU A 2 -4.35 11.27 20.69
N PHE A 3 -3.30 10.96 19.95
CA PHE A 3 -3.11 11.61 18.61
C PHE A 3 -3.93 10.87 17.55
N LEU A 4 -3.71 9.59 17.38
CA LEU A 4 -4.46 8.79 16.36
C LEU A 4 -4.91 7.45 16.97
N ALA A 5 -5.64 6.67 16.23
CA ALA A 5 -6.11 5.34 16.75
C ALA A 5 -6.58 4.46 15.59
N ARG A 6 -7.76 4.68 15.05
CA ARG A 6 -8.26 3.85 13.91
C ARG A 6 -7.51 4.17 12.62
N LEU A 7 -7.10 5.42 12.45
CA LEU A 7 -6.35 5.84 11.21
C LEU A 7 -5.06 5.03 11.08
N ILE A 8 -4.38 4.75 12.18
CA ILE A 8 -3.10 3.96 12.13
C ILE A 8 -3.42 2.58 11.53
N TRP A 9 -4.43 1.92 12.01
CA TRP A 9 -4.81 0.57 11.47
C TRP A 9 -5.22 0.71 10.00
N TRP A 10 -6.01 1.71 9.68
CA TRP A 10 -6.46 1.94 8.27
C TRP A 10 -5.22 2.17 7.36
N LEU A 11 -4.39 3.11 7.71
CA LEU A 11 -3.16 3.39 6.87
C LEU A 11 -2.24 2.17 6.87
N GLN A 12 -2.00 1.56 8.02
CA GLN A 12 -1.11 0.36 8.08
C GLN A 12 -1.65 -0.78 7.20
N TYR A 13 -2.95 -0.85 7.03
CA TYR A 13 -3.56 -1.92 6.17
C TYR A 13 -3.62 -1.44 4.73
N PHE A 14 -4.02 -0.20 4.52
CA PHE A 14 -4.11 0.37 3.14
C PHE A 14 -2.72 0.65 2.54
N ILE A 15 -1.67 0.75 3.34
CA ILE A 15 -0.32 1.03 2.77
C ILE A 15 0.11 -0.11 1.82
N THR A 16 -0.11 -1.35 2.21
CA THR A 16 0.26 -2.50 1.33
C THR A 16 -0.70 -2.54 0.13
N ARG A 17 -1.98 -2.33 0.38
CA ARG A 17 -2.99 -2.35 -0.72
C ARG A 17 -2.73 -1.17 -1.68
N ALA A 18 -2.36 -0.02 -1.14
CA ALA A 18 -2.07 1.17 -2.00
C ALA A 18 -0.88 0.87 -2.92
N GLU A 19 0.18 0.29 -2.39
CA GLU A 19 1.37 -0.04 -3.24
C GLU A 19 0.98 -1.07 -4.31
N ALA A 20 0.09 -1.98 -3.98
CA ALA A 20 -0.36 -3.01 -4.99
C ALA A 20 -0.94 -2.29 -6.21
N HIS A 21 -1.61 -1.18 -5.99
CA HIS A 21 -2.20 -0.41 -7.14
C HIS A 21 -1.10 0.46 -7.81
N LEU A 22 -0.05 0.77 -7.10
CA LEU A 22 1.06 1.61 -7.67
C LEU A 22 2.00 0.76 -8.56
N GLN A 23 2.12 -0.52 -8.31
CA GLN A 23 3.02 -1.38 -9.15
C GLN A 23 2.29 -1.90 -10.41
N VAL A 24 1.65 -1.02 -11.15
CA VAL A 24 0.92 -1.45 -12.39
C VAL A 24 1.35 -0.64 -13.63
N TRP A 25 2.39 0.16 -13.52
CA TRP A 25 2.86 0.98 -14.68
C TRP A 25 4.19 0.43 -15.21
N ILE A 26 5.15 0.18 -14.33
CA ILE A 26 6.47 -0.36 -14.78
C ILE A 26 6.37 -1.88 -14.99
N PRO A 27 6.87 -2.35 -16.11
CA PRO A 27 6.83 -3.81 -16.42
C PRO A 27 7.85 -4.59 -15.57
N PRO A 28 7.39 -5.68 -14.97
CA PRO A 28 8.30 -6.51 -14.11
C PRO A 28 9.28 -7.32 -14.98
N LEU A 29 10.39 -7.71 -14.40
CA LEU A 29 11.41 -8.50 -15.16
C LEU A 29 12.16 -9.45 -14.21
N ASN A 30 11.49 -10.48 -13.75
CA ASN A 30 12.13 -11.46 -12.81
C ASN A 30 13.03 -12.47 -13.56
N VAL A 31 12.89 -12.60 -14.86
CA VAL A 31 13.72 -13.57 -15.63
C VAL A 31 14.27 -12.92 -16.91
N ARG A 32 15.44 -13.34 -17.35
CA ARG A 32 16.04 -12.77 -18.59
C ARG A 32 15.38 -13.39 -19.83
N GLY A 33 15.20 -14.70 -19.83
CA GLY A 33 14.56 -15.39 -20.99
C GLY A 33 13.70 -16.55 -20.48
N LYS A 1 -7.85 4.58 27.85
CA LYS A 1 -6.43 4.09 27.91
C LYS A 1 -5.93 3.71 26.51
N LEU A 2 -4.71 3.21 26.42
CA LEU A 2 -4.10 2.79 25.11
C LEU A 2 -3.87 4.01 24.20
N PHE A 3 -2.62 4.38 24.01
CA PHE A 3 -2.29 5.55 23.14
C PHE A 3 -1.98 5.06 21.72
N LEU A 4 -2.73 5.53 20.75
CA LEU A 4 -2.51 5.12 19.32
C LEU A 4 -2.59 3.58 19.20
N ALA A 5 -1.75 2.96 18.38
CA ALA A 5 -1.75 1.47 18.21
C ALA A 5 -3.18 0.95 17.92
N ARG A 6 -3.87 1.62 17.03
CA ARG A 6 -5.26 1.23 16.66
C ARG A 6 -5.62 1.85 15.31
N LEU A 7 -5.61 3.16 15.23
CA LEU A 7 -5.93 3.86 13.95
C LEU A 7 -4.82 3.65 12.92
N ILE A 8 -3.60 3.40 13.36
CA ILE A 8 -2.46 3.17 12.41
C ILE A 8 -2.75 1.92 11.57
N TRP A 9 -3.39 0.93 12.15
CA TRP A 9 -3.73 -0.33 11.39
C TRP A 9 -4.57 0.02 10.16
N TRP A 10 -5.56 0.86 10.32
CA TRP A 10 -6.42 1.26 9.15
C TRP A 10 -5.57 2.02 8.14
N LEU A 11 -4.74 2.93 8.62
CA LEU A 11 -3.87 3.73 7.70
C LEU A 11 -2.88 2.79 7.00
N GLN A 12 -2.29 1.86 7.73
CA GLN A 12 -1.32 0.89 7.14
C GLN A 12 -2.05 0.00 6.11
N TYR A 13 -3.27 -0.40 6.39
CA TYR A 13 -4.03 -1.26 5.44
C TYR A 13 -4.18 -0.52 4.09
N PHE A 14 -4.49 0.75 4.13
CA PHE A 14 -4.63 1.55 2.86
C PHE A 14 -3.28 1.62 2.14
N ILE A 15 -2.21 1.85 2.88
CA ILE A 15 -0.85 1.92 2.26
C ILE A 15 -0.52 0.57 1.60
N THR A 16 -0.83 -0.53 2.27
CA THR A 16 -0.55 -1.89 1.70
C THR A 16 -1.29 -2.04 0.37
N ARG A 17 -2.52 -1.58 0.31
CA ARG A 17 -3.31 -1.68 -0.96
C ARG A 17 -2.66 -0.82 -2.05
N ALA A 18 -2.29 0.40 -1.72
CA ALA A 18 -1.63 1.31 -2.71
C ALA A 18 -0.36 0.65 -3.27
N GLU A 19 0.43 0.01 -2.41
CA GLU A 19 1.68 -0.66 -2.88
C GLU A 19 1.32 -1.83 -3.81
N ALA A 20 0.29 -2.59 -3.51
CA ALA A 20 -0.11 -3.73 -4.40
C ALA A 20 -0.43 -3.18 -5.81
N HIS A 21 -1.11 -2.05 -5.87
CA HIS A 21 -1.45 -1.43 -7.18
C HIS A 21 -0.15 -0.96 -7.88
N LEU A 22 0.87 -0.64 -7.11
CA LEU A 22 2.17 -0.18 -7.69
C LEU A 22 3.13 -1.36 -7.98
N GLN A 23 2.73 -2.60 -7.81
CA GLN A 23 3.66 -3.74 -8.08
C GLN A 23 3.32 -4.45 -9.41
N VAL A 24 2.75 -3.75 -10.37
CA VAL A 24 2.41 -4.42 -11.69
C VAL A 24 2.95 -3.61 -12.89
N TRP A 25 3.90 -2.72 -12.66
CA TRP A 25 4.46 -1.91 -13.77
C TRP A 25 5.97 -1.71 -13.52
N ILE A 26 6.79 -2.57 -14.08
CA ILE A 26 8.28 -2.46 -13.88
C ILE A 26 9.01 -3.26 -14.98
N PRO A 27 9.82 -2.58 -15.77
CA PRO A 27 10.59 -3.25 -16.85
C PRO A 27 11.66 -4.25 -16.37
N PRO A 28 12.44 -3.96 -15.33
CA PRO A 28 13.47 -4.92 -14.85
C PRO A 28 12.80 -6.16 -14.23
N LEU A 29 13.15 -7.33 -14.69
CA LEU A 29 12.58 -8.62 -14.16
C LEU A 29 11.04 -8.63 -14.26
N ASN A 30 10.51 -8.30 -15.42
CA ASN A 30 9.02 -8.29 -15.60
C ASN A 30 8.49 -9.71 -15.85
N VAL A 31 9.25 -10.55 -16.51
CA VAL A 31 8.81 -11.95 -16.78
C VAL A 31 9.85 -12.93 -16.22
N ARG A 32 9.41 -14.01 -15.62
CA ARG A 32 10.35 -15.01 -15.03
C ARG A 32 10.02 -16.42 -15.55
N GLY A 33 11.03 -17.22 -15.81
CA GLY A 33 10.80 -18.61 -16.31
C GLY A 33 11.55 -18.80 -17.64
N LYS A 1 -4.70 -4.61 17.30
CA LYS A 1 -6.10 -4.74 16.76
C LYS A 1 -6.16 -4.29 15.29
N LEU A 2 -7.28 -4.50 14.65
CA LEU A 2 -7.42 -4.10 13.22
C LEU A 2 -8.26 -2.81 13.12
N PHE A 3 -7.89 -1.93 12.22
CA PHE A 3 -8.62 -0.63 12.05
C PHE A 3 -8.61 0.18 13.36
N LEU A 4 -7.61 0.01 14.19
CA LEU A 4 -7.53 0.76 15.48
C LEU A 4 -6.10 1.24 15.72
N ALA A 5 -5.56 1.14 16.93
CA ALA A 5 -4.16 1.61 17.21
C ALA A 5 -4.06 3.09 16.82
N ARG A 6 -4.95 3.92 17.33
CA ARG A 6 -4.95 5.38 16.98
C ARG A 6 -5.09 5.51 15.46
N LEU A 7 -5.91 4.64 14.89
CA LEU A 7 -6.14 4.61 13.40
C LEU A 7 -4.83 4.37 12.64
N ILE A 8 -3.83 3.82 13.28
CA ILE A 8 -2.53 3.54 12.60
C ILE A 8 -2.68 2.27 11.76
N TRP A 9 -3.24 1.23 12.36
CA TRP A 9 -3.44 -0.07 11.62
C TRP A 9 -4.33 0.16 10.39
N TRP A 10 -5.35 1.00 10.50
CA TRP A 10 -6.25 1.27 9.34
C TRP A 10 -5.43 1.93 8.21
N LEU A 11 -4.65 2.94 8.56
CA LEU A 11 -3.80 3.65 7.55
C LEU A 11 -2.82 2.66 6.89
N GLN A 12 -2.23 1.78 7.66
CA GLN A 12 -1.28 0.77 7.08
C GLN A 12 -2.00 -0.07 6.04
N TYR A 13 -3.17 -0.59 6.37
CA TYR A 13 -3.97 -1.43 5.40
C TYR A 13 -4.24 -0.63 4.13
N PHE A 14 -4.54 0.65 4.26
CA PHE A 14 -4.81 1.50 3.06
C PHE A 14 -3.56 1.56 2.17
N ILE A 15 -2.40 1.65 2.78
CA ILE A 15 -1.12 1.69 2.01
C ILE A 15 -0.83 0.31 1.43
N THR A 16 -1.17 -0.75 2.14
CA THR A 16 -0.93 -2.15 1.61
C THR A 16 -1.59 -2.28 0.23
N ARG A 17 -2.82 -1.83 0.11
CA ARG A 17 -3.53 -1.89 -1.21
C ARG A 17 -2.84 -0.94 -2.20
N ALA A 18 -2.37 0.20 -1.71
CA ALA A 18 -1.66 1.18 -2.60
C ALA A 18 -0.36 0.56 -3.11
N GLU A 19 0.38 -0.10 -2.23
CA GLU A 19 1.66 -0.75 -2.64
C GLU A 19 1.40 -1.83 -3.70
N ALA A 20 0.29 -2.52 -3.60
CA ALA A 20 -0.06 -3.58 -4.60
C ALA A 20 -0.20 -2.91 -5.98
N HIS A 21 -0.78 -1.73 -6.02
CA HIS A 21 -0.94 -1.00 -7.31
C HIS A 21 0.40 -0.34 -7.69
N LEU A 22 1.13 0.14 -6.70
CA LEU A 22 2.45 0.82 -6.92
C LEU A 22 3.43 -0.02 -7.77
N GLN A 23 3.39 -1.33 -7.72
CA GLN A 23 4.34 -2.14 -8.55
C GLN A 23 3.82 -2.34 -9.99
N VAL A 24 3.39 -1.26 -10.63
CA VAL A 24 2.85 -1.26 -12.04
C VAL A 24 2.02 -2.51 -12.38
N TRP A 25 1.27 -3.03 -11.44
CA TRP A 25 0.41 -4.25 -11.68
C TRP A 25 1.21 -5.31 -12.47
N ILE A 26 2.38 -5.66 -11.99
CA ILE A 26 3.23 -6.67 -12.69
C ILE A 26 2.55 -8.07 -12.68
N PRO A 27 2.18 -8.53 -13.86
CA PRO A 27 1.51 -9.87 -13.98
C PRO A 27 2.41 -11.08 -13.60
N PRO A 28 3.69 -11.09 -13.97
CA PRO A 28 4.57 -12.24 -13.60
C PRO A 28 4.82 -12.25 -12.08
N LEU A 29 5.52 -13.23 -11.60
CA LEU A 29 5.81 -13.32 -10.12
C LEU A 29 7.17 -12.64 -9.82
N ASN A 30 7.40 -11.47 -10.38
CA ASN A 30 8.67 -10.71 -10.16
C ASN A 30 9.89 -11.59 -10.50
N VAL A 31 9.83 -12.33 -11.58
CA VAL A 31 10.97 -13.22 -11.99
C VAL A 31 12.18 -12.38 -12.43
N ARG A 32 13.37 -12.91 -12.26
CA ARG A 32 14.61 -12.17 -12.66
C ARG A 32 15.37 -12.97 -13.73
N GLY A 33 16.01 -12.27 -14.64
CA GLY A 33 16.79 -12.96 -15.73
C GLY A 33 18.14 -13.43 -15.18
N LYS A 1 -6.87 17.68 16.86
CA LYS A 1 -7.13 16.83 18.07
C LYS A 1 -7.32 15.37 17.66
N LEU A 2 -6.71 14.45 18.38
CA LEU A 2 -6.83 12.98 18.09
C LEU A 2 -6.39 12.65 16.65
N PHE A 3 -5.26 13.17 16.23
CA PHE A 3 -4.76 12.91 14.84
C PHE A 3 -4.14 11.51 14.77
N LEU A 4 -3.49 11.06 15.82
CA LEU A 4 -2.87 9.69 15.81
C LEU A 4 -3.84 8.68 16.44
N ALA A 5 -3.42 7.44 16.57
CA ALA A 5 -4.25 6.34 17.16
C ALA A 5 -5.43 6.00 16.24
N ARG A 6 -5.53 4.74 15.85
CA ARG A 6 -6.61 4.21 14.93
C ARG A 6 -6.32 4.56 13.47
N LEU A 7 -5.87 5.76 13.18
CA LEU A 7 -5.56 6.15 11.77
C LEU A 7 -4.38 5.31 11.24
N ILE A 8 -3.39 5.05 12.08
CA ILE A 8 -2.21 4.24 11.67
C ILE A 8 -2.68 2.82 11.30
N TRP A 9 -3.59 2.26 12.07
CA TRP A 9 -4.12 0.90 11.78
C TRP A 9 -4.83 0.88 10.41
N TRP A 10 -5.62 1.90 10.13
CA TRP A 10 -6.34 1.95 8.81
C TRP A 10 -5.31 2.17 7.69
N LEU A 11 -4.39 3.10 7.89
CA LEU A 11 -3.35 3.37 6.84
C LEU A 11 -2.47 2.13 6.64
N GLN A 12 -2.16 1.43 7.72
CA GLN A 12 -1.32 0.19 7.61
C GLN A 12 -2.07 -0.89 6.82
N TYR A 13 -3.38 -0.94 6.93
CA TYR A 13 -4.19 -1.95 6.19
C TYR A 13 -4.30 -1.50 4.72
N PHE A 14 -4.56 -0.22 4.52
CA PHE A 14 -4.69 0.35 3.14
C PHE A 14 -3.32 0.39 2.42
N ILE A 15 -2.24 0.59 3.14
CA ILE A 15 -0.89 0.64 2.47
C ILE A 15 -0.57 -0.68 1.73
N THR A 16 -1.12 -1.80 2.17
CA THR A 16 -0.85 -3.10 1.48
C THR A 16 -1.37 -3.02 0.03
N ARG A 17 -2.60 -2.59 -0.15
CA ARG A 17 -3.17 -2.48 -1.53
C ARG A 17 -2.66 -1.21 -2.20
N ALA A 18 -2.48 -0.14 -1.45
CA ALA A 18 -1.97 1.14 -2.04
C ALA A 18 -0.57 0.94 -2.63
N GLU A 19 0.31 0.23 -1.95
CA GLU A 19 1.69 0.01 -2.49
C GLU A 19 1.61 -0.79 -3.81
N ALA A 20 0.77 -1.79 -3.86
CA ALA A 20 0.62 -2.61 -5.09
C ALA A 20 -0.06 -1.78 -6.20
N HIS A 21 -1.07 -1.02 -5.84
CA HIS A 21 -1.78 -0.16 -6.85
C HIS A 21 -0.88 0.98 -7.32
N LEU A 22 -0.06 1.52 -6.43
CA LEU A 22 0.86 2.65 -6.78
C LEU A 22 1.84 2.23 -7.88
N GLN A 23 2.30 1.00 -7.88
CA GLN A 23 3.26 0.54 -8.93
C GLN A 23 2.49 -0.02 -10.14
N VAL A 24 1.54 0.73 -10.66
CA VAL A 24 0.71 0.29 -11.84
C VAL A 24 0.17 -1.13 -11.59
N TRP A 25 -0.46 -1.34 -10.44
CA TRP A 25 -1.03 -2.68 -10.08
C TRP A 25 0.05 -3.76 -10.28
N ILE A 26 1.16 -3.61 -9.61
CA ILE A 26 2.30 -4.59 -9.73
C ILE A 26 1.83 -6.03 -9.42
N PRO A 27 2.07 -6.93 -10.36
CA PRO A 27 1.66 -8.35 -10.18
C PRO A 27 2.63 -9.08 -9.24
N PRO A 28 2.19 -10.20 -8.71
CA PRO A 28 3.05 -10.99 -7.78
C PRO A 28 4.17 -11.70 -8.55
N LEU A 29 5.26 -11.99 -7.89
CA LEU A 29 6.40 -12.69 -8.58
C LEU A 29 6.46 -14.17 -8.16
N ASN A 30 5.32 -14.82 -8.03
CA ASN A 30 5.30 -16.27 -7.65
C ASN A 30 4.46 -17.09 -8.65
N VAL A 31 4.32 -16.62 -9.88
CA VAL A 31 3.52 -17.37 -10.90
C VAL A 31 4.12 -17.16 -12.30
N ARG A 32 3.91 -18.11 -13.19
CA ARG A 32 4.45 -17.98 -14.59
C ARG A 32 3.32 -17.56 -15.54
N GLY A 33 2.23 -18.29 -15.55
CA GLY A 33 1.09 -17.95 -16.44
C GLY A 33 -0.21 -17.90 -15.63
N LYS A 1 -8.91 5.68 4.46
CA LYS A 1 -9.79 5.33 5.62
C LYS A 1 -9.04 5.58 6.94
N LEU A 2 -9.19 6.74 7.52
CA LEU A 2 -8.48 7.05 8.81
C LEU A 2 -9.48 7.49 9.89
N PHE A 3 -9.63 6.69 10.92
CA PHE A 3 -10.58 7.02 12.03
C PHE A 3 -9.81 7.12 13.35
N LEU A 4 -9.30 6.01 13.85
CA LEU A 4 -8.53 6.01 15.14
C LEU A 4 -7.31 5.09 15.02
N ALA A 5 -7.03 4.23 15.99
CA ALA A 5 -5.82 3.34 15.91
C ALA A 5 -4.58 4.23 15.81
N ARG A 6 -4.61 5.41 16.42
CA ARG A 6 -3.47 6.37 16.36
C ARG A 6 -3.11 6.63 14.89
N LEU A 7 -4.10 6.54 14.01
CA LEU A 7 -3.89 6.74 12.54
C LEU A 7 -2.81 5.75 12.06
N ILE A 8 -2.78 4.57 12.65
CA ILE A 8 -1.77 3.53 12.27
C ILE A 8 -2.46 2.33 11.60
N TRP A 9 -3.18 1.52 12.34
CA TRP A 9 -3.88 0.32 11.74
C TRP A 9 -4.79 0.73 10.59
N TRP A 10 -5.48 1.85 10.72
CA TRP A 10 -6.38 2.31 9.63
C TRP A 10 -5.59 2.77 8.39
N LEU A 11 -4.30 3.00 8.52
CA LEU A 11 -3.48 3.42 7.35
C LEU A 11 -2.80 2.20 6.73
N GLN A 12 -2.22 1.33 7.53
CA GLN A 12 -1.53 0.10 6.99
C GLN A 12 -2.51 -0.79 6.19
N TYR A 13 -3.75 -0.88 6.63
CA TYR A 13 -4.76 -1.74 5.91
C TYR A 13 -5.01 -1.20 4.49
N PHE A 14 -4.87 0.09 4.29
CA PHE A 14 -5.09 0.71 2.95
C PHE A 14 -3.75 0.92 2.21
N ILE A 15 -2.66 1.13 2.94
CA ILE A 15 -1.34 1.35 2.27
C ILE A 15 -0.81 0.04 1.64
N THR A 16 -1.12 -1.11 2.20
CA THR A 16 -0.63 -2.40 1.60
C THR A 16 -1.19 -2.53 0.18
N ARG A 17 -2.45 -2.22 0.00
CA ARG A 17 -3.08 -2.30 -1.37
C ARG A 17 -2.56 -1.13 -2.22
N ALA A 18 -2.41 0.03 -1.63
CA ALA A 18 -1.90 1.23 -2.37
C ALA A 18 -0.47 0.98 -2.89
N GLU A 19 0.35 0.31 -2.10
CA GLU A 19 1.75 0.03 -2.53
C GLU A 19 1.81 -1.13 -3.55
N ALA A 20 0.71 -1.82 -3.82
CA ALA A 20 0.73 -2.94 -4.79
C ALA A 20 0.33 -2.43 -6.19
N HIS A 21 -0.81 -1.78 -6.31
CA HIS A 21 -1.24 -1.26 -7.65
C HIS A 21 -0.25 -0.21 -8.20
N LEU A 22 0.53 0.42 -7.34
CA LEU A 22 1.52 1.45 -7.79
C LEU A 22 2.51 0.85 -8.82
N GLN A 23 2.71 -0.45 -8.80
CA GLN A 23 3.65 -1.11 -9.77
C GLN A 23 2.88 -1.47 -11.06
N VAL A 24 2.12 -0.56 -11.61
CA VAL A 24 1.33 -0.82 -12.87
C VAL A 24 0.48 -2.10 -12.71
N TRP A 25 0.01 -2.38 -11.50
CA TRP A 25 -0.82 -3.60 -11.24
C TRP A 25 -0.09 -4.88 -11.71
N ILE A 26 1.12 -5.08 -11.25
CA ILE A 26 1.91 -6.29 -11.66
C ILE A 26 2.32 -7.08 -10.40
N PRO A 27 1.78 -8.27 -10.27
CA PRO A 27 2.09 -9.13 -9.09
C PRO A 27 3.59 -9.52 -8.98
N PRO A 28 4.24 -9.94 -10.06
CA PRO A 28 5.69 -10.29 -9.95
C PRO A 28 6.52 -9.01 -9.75
N LEU A 29 7.83 -9.12 -9.70
CA LEU A 29 8.68 -7.90 -9.52
C LEU A 29 9.17 -7.38 -10.88
N ASN A 30 8.32 -7.44 -11.90
CA ASN A 30 8.69 -6.96 -13.27
C ASN A 30 10.01 -7.61 -13.73
N VAL A 31 9.98 -8.93 -13.88
CA VAL A 31 11.18 -9.75 -14.33
C VAL A 31 12.49 -9.34 -13.61
N ARG A 32 13.63 -9.69 -14.19
CA ARG A 32 14.94 -9.33 -13.56
C ARG A 32 16.04 -9.34 -14.62
N GLY A 33 16.66 -8.20 -14.85
CA GLY A 33 17.75 -8.10 -15.86
C GLY A 33 19.10 -7.93 -15.16
N LYS A 1 -8.44 4.90 25.57
CA LYS A 1 -7.90 3.91 24.58
C LYS A 1 -8.50 4.10 23.18
N LEU A 2 -8.79 5.33 22.79
CA LEU A 2 -9.38 5.58 21.43
C LEU A 2 -8.46 6.54 20.65
N PHE A 3 -8.94 7.06 19.53
CA PHE A 3 -8.15 8.01 18.66
C PHE A 3 -6.97 7.31 17.96
N LEU A 4 -6.04 6.74 18.70
CA LEU A 4 -4.88 6.05 18.08
C LEU A 4 -5.14 4.53 18.02
N ALA A 5 -4.11 3.75 17.71
CA ALA A 5 -4.21 2.25 17.62
C ALA A 5 -5.07 1.84 16.40
N ARG A 6 -6.36 2.07 16.44
CA ARG A 6 -7.24 1.70 15.28
C ARG A 6 -6.91 2.59 14.08
N LEU A 7 -6.68 3.87 14.31
CA LEU A 7 -6.33 4.81 13.19
C LEU A 7 -5.04 4.35 12.51
N ILE A 8 -4.07 3.90 13.27
CA ILE A 8 -2.76 3.43 12.68
C ILE A 8 -3.02 2.14 11.88
N TRP A 9 -3.79 1.22 12.42
CA TRP A 9 -4.08 -0.07 11.71
C TRP A 9 -4.78 0.21 10.36
N TRP A 10 -5.74 1.11 10.34
CA TRP A 10 -6.44 1.43 9.06
C TRP A 10 -5.45 2.04 8.05
N LEU A 11 -4.62 2.96 8.49
CA LEU A 11 -3.61 3.59 7.59
C LEU A 11 -2.67 2.51 7.03
N GLN A 12 -2.25 1.58 7.85
CA GLN A 12 -1.35 0.48 7.38
C GLN A 12 -2.04 -0.35 6.28
N TYR A 13 -3.31 -0.66 6.48
CA TYR A 13 -4.08 -1.45 5.48
C TYR A 13 -4.24 -0.65 4.16
N PHE A 14 -4.24 0.66 4.24
CA PHE A 14 -4.38 1.48 3.00
C PHE A 14 -3.04 1.57 2.26
N ILE A 15 -1.95 1.73 3.00
CA ILE A 15 -0.60 1.82 2.37
C ILE A 15 -0.24 0.50 1.64
N THR A 16 -0.48 -0.63 2.26
CA THR A 16 -0.15 -1.95 1.61
C THR A 16 -1.00 -2.15 0.34
N ARG A 17 -2.24 -1.70 0.34
CA ARG A 17 -3.13 -1.87 -0.87
C ARG A 17 -2.65 -0.92 -1.98
N ALA A 18 -2.25 0.29 -1.62
CA ALA A 18 -1.77 1.27 -2.64
C ALA A 18 -0.50 0.74 -3.33
N GLU A 19 0.39 0.15 -2.57
CA GLU A 19 1.65 -0.42 -3.16
C GLU A 19 1.31 -1.57 -4.11
N ALA A 20 0.32 -2.37 -3.76
CA ALA A 20 -0.10 -3.53 -4.62
C ALA A 20 -0.45 -3.08 -6.04
N HIS A 21 -1.36 -2.13 -6.18
CA HIS A 21 -1.74 -1.66 -7.57
C HIS A 21 -0.68 -0.70 -8.16
N LEU A 22 0.42 -0.46 -7.50
CA LEU A 22 1.46 0.46 -8.05
C LEU A 22 2.54 -0.33 -8.82
N GLN A 23 2.72 -1.59 -8.49
CA GLN A 23 3.74 -2.43 -9.19
C GLN A 23 3.04 -3.52 -10.01
N VAL A 24 3.64 -3.91 -11.12
CA VAL A 24 3.05 -4.99 -12.00
C VAL A 24 1.60 -4.63 -12.39
N TRP A 25 1.34 -3.37 -12.67
CA TRP A 25 -0.03 -2.92 -13.06
C TRP A 25 0.04 -1.95 -14.26
N ILE A 26 0.79 -0.88 -14.13
CA ILE A 26 0.92 0.12 -15.24
C ILE A 26 1.94 -0.38 -16.27
N PRO A 27 1.58 -0.29 -17.54
CA PRO A 27 2.49 -0.73 -18.64
C PRO A 27 3.66 0.26 -18.81
N PRO A 28 4.87 -0.25 -18.80
CA PRO A 28 6.07 0.62 -18.96
C PRO A 28 6.24 1.05 -20.43
N LEU A 29 5.51 2.06 -20.84
CA LEU A 29 5.61 2.56 -22.25
C LEU A 29 5.43 4.08 -22.27
N ASN A 30 6.38 4.79 -21.72
CA ASN A 30 6.31 6.29 -21.68
C ASN A 30 6.89 6.91 -22.96
N VAL A 31 7.86 6.26 -23.57
CA VAL A 31 8.48 6.80 -24.82
C VAL A 31 8.26 5.82 -25.98
N ARG A 32 7.80 6.33 -27.11
CA ARG A 32 7.53 5.48 -28.33
C ARG A 32 6.39 4.48 -28.09
N GLY A 33 5.80 3.99 -29.16
CA GLY A 33 4.69 3.01 -29.03
C GLY A 33 4.39 2.40 -30.41
N LYS A 1 -1.87 19.26 7.22
CA LYS A 1 -0.70 18.40 7.53
C LYS A 1 -1.09 17.31 8.55
N LEU A 2 -0.20 16.38 8.80
CA LEU A 2 -0.46 15.26 9.78
C LEU A 2 -1.73 14.47 9.40
N PHE A 3 -1.63 13.58 8.45
CA PHE A 3 -2.80 12.77 8.01
C PHE A 3 -2.75 11.35 8.59
N LEU A 4 -1.57 10.81 8.80
CA LEU A 4 -1.45 9.41 9.36
C LEU A 4 -1.58 9.45 10.89
N ALA A 5 -1.25 8.36 11.57
CA ALA A 5 -1.34 8.25 13.07
C ALA A 5 -2.80 8.21 13.54
N ARG A 6 -3.60 9.20 13.20
CA ARG A 6 -5.04 9.20 13.63
C ARG A 6 -5.73 7.94 13.08
N LEU A 7 -5.35 7.51 11.91
CA LEU A 7 -5.96 6.28 11.30
C LEU A 7 -4.88 5.24 11.00
N ILE A 8 -3.84 5.13 11.83
CA ILE A 8 -2.76 4.10 11.57
C ILE A 8 -3.37 2.72 11.39
N TRP A 9 -4.30 2.34 12.25
CA TRP A 9 -4.96 1.00 12.16
C TRP A 9 -5.51 0.75 10.74
N TRP A 10 -5.97 1.78 10.07
CA TRP A 10 -6.51 1.63 8.69
C TRP A 10 -5.40 1.89 7.65
N LEU A 11 -4.66 2.97 7.82
CA LEU A 11 -3.57 3.32 6.86
C LEU A 11 -2.51 2.21 6.74
N GLN A 12 -2.09 1.64 7.86
CA GLN A 12 -1.06 0.54 7.81
C GLN A 12 -1.50 -0.57 6.85
N TYR A 13 -2.71 -1.06 7.01
CA TYR A 13 -3.21 -2.15 6.10
C TYR A 13 -3.44 -1.55 4.70
N PHE A 14 -3.94 -0.33 4.63
CA PHE A 14 -4.19 0.33 3.31
C PHE A 14 -2.88 0.44 2.51
N ILE A 15 -1.77 0.66 3.17
CA ILE A 15 -0.44 0.77 2.46
C ILE A 15 -0.20 -0.52 1.64
N THR A 16 -0.60 -1.66 2.14
CA THR A 16 -0.40 -2.94 1.37
C THR A 16 -1.16 -2.84 0.03
N ARG A 17 -2.38 -2.37 0.08
CA ARG A 17 -3.18 -2.21 -1.18
C ARG A 17 -2.62 -1.03 -1.99
N ALA A 18 -2.26 0.05 -1.30
CA ALA A 18 -1.69 1.26 -1.99
C ALA A 18 -0.45 0.87 -2.81
N GLU A 19 0.46 0.10 -2.24
CA GLU A 19 1.69 -0.31 -3.02
C GLU A 19 1.27 -1.11 -4.26
N ALA A 20 0.37 -2.05 -4.10
CA ALA A 20 -0.12 -2.86 -5.26
C ALA A 20 -0.80 -1.93 -6.28
N HIS A 21 -1.54 -0.95 -5.80
CA HIS A 21 -2.23 0.02 -6.71
C HIS A 21 -1.20 0.86 -7.50
N LEU A 22 0.04 0.92 -7.02
CA LEU A 22 1.11 1.71 -7.72
C LEU A 22 1.87 0.83 -8.73
N GLN A 23 1.62 -0.47 -8.75
CA GLN A 23 2.35 -1.37 -9.71
C GLN A 23 1.65 -1.42 -11.09
N VAL A 24 1.26 -0.27 -11.61
CA VAL A 24 0.57 -0.24 -12.95
C VAL A 24 0.99 1.01 -13.75
N TRP A 25 2.15 1.58 -13.47
CA TRP A 25 2.61 2.80 -14.20
C TRP A 25 4.14 2.77 -14.39
N ILE A 26 4.88 2.58 -13.32
CA ILE A 26 6.38 2.54 -13.43
C ILE A 26 6.82 1.22 -14.08
N PRO A 27 7.71 1.32 -15.07
CA PRO A 27 8.22 0.12 -15.78
C PRO A 27 9.30 -0.60 -14.96
N PRO A 28 9.05 -1.86 -14.65
CA PRO A 28 10.04 -2.66 -13.86
C PRO A 28 11.16 -3.20 -14.76
N LEU A 29 12.03 -4.02 -14.23
CA LEU A 29 13.16 -4.58 -15.05
C LEU A 29 12.80 -5.99 -15.58
N ASN A 30 11.55 -6.20 -15.95
CA ASN A 30 11.14 -7.55 -16.49
C ASN A 30 11.70 -7.77 -17.90
N VAL A 31 11.98 -6.72 -18.63
CA VAL A 31 12.52 -6.87 -20.02
C VAL A 31 13.92 -7.53 -19.99
N ARG A 32 14.33 -8.14 -21.09
CA ARG A 32 15.67 -8.81 -21.13
C ARG A 32 16.70 -7.89 -21.83
N GLY A 33 17.72 -7.47 -21.10
CA GLY A 33 18.76 -6.58 -21.69
C GLY A 33 20.15 -7.11 -21.36
N LYS A 1 -9.85 -5.63 14.04
CA LYS A 1 -10.72 -4.74 13.23
C LYS A 1 -10.59 -3.28 13.73
N LEU A 2 -9.65 -2.54 13.18
CA LEU A 2 -9.42 -1.11 13.60
C LEU A 2 -9.30 -1.00 15.13
N PHE A 3 -8.23 -1.54 15.68
CA PHE A 3 -8.02 -1.47 17.17
C PHE A 3 -7.42 -0.13 17.57
N LEU A 4 -8.11 0.96 17.25
CA LEU A 4 -7.63 2.34 17.59
C LEU A 4 -6.17 2.52 17.15
N ALA A 5 -5.21 2.51 18.06
CA ALA A 5 -3.76 2.69 17.69
C ALA A 5 -3.60 3.96 16.86
N ARG A 6 -4.21 5.06 17.28
CA ARG A 6 -4.12 6.35 16.51
C ARG A 6 -4.54 6.08 15.04
N LEU A 7 -5.45 5.15 14.84
CA LEU A 7 -5.94 4.76 13.49
C LEU A 7 -4.77 4.27 12.60
N ILE A 8 -3.68 3.81 13.21
CA ILE A 8 -2.50 3.30 12.41
C ILE A 8 -2.91 2.04 11.63
N TRP A 9 -3.63 1.16 12.27
CA TRP A 9 -4.09 -0.10 11.59
C TRP A 9 -4.87 0.26 10.31
N TRP A 10 -5.68 1.30 10.36
CA TRP A 10 -6.47 1.73 9.16
C TRP A 10 -5.52 2.25 8.06
N LEU A 11 -4.67 3.20 8.39
CA LEU A 11 -3.71 3.76 7.37
C LEU A 11 -2.77 2.66 6.86
N GLN A 12 -2.29 1.81 7.74
CA GLN A 12 -1.37 0.69 7.31
C GLN A 12 -2.11 -0.22 6.30
N TYR A 13 -3.40 -0.43 6.51
CA TYR A 13 -4.21 -1.29 5.59
C TYR A 13 -4.25 -0.68 4.19
N PHE A 14 -4.34 0.63 4.11
CA PHE A 14 -4.39 1.33 2.80
C PHE A 14 -3.01 1.34 2.13
N ILE A 15 -1.94 1.40 2.89
CA ILE A 15 -0.56 1.41 2.29
C ILE A 15 -0.25 0.03 1.70
N THR A 16 -0.58 -1.03 2.42
CA THR A 16 -0.32 -2.42 1.90
C THR A 16 -1.17 -2.71 0.65
N ARG A 17 -2.21 -1.95 0.40
CA ARG A 17 -3.06 -2.17 -0.80
C ARG A 17 -2.66 -1.15 -1.90
N ALA A 18 -2.37 0.07 -1.50
CA ALA A 18 -1.97 1.13 -2.50
C ALA A 18 -0.68 0.73 -3.23
N GLU A 19 0.33 0.25 -2.53
CA GLU A 19 1.60 -0.16 -3.20
C GLU A 19 1.35 -1.30 -4.20
N ALA A 20 0.52 -2.25 -3.83
CA ALA A 20 0.22 -3.39 -4.76
C ALA A 20 -0.36 -2.84 -6.08
N HIS A 21 -1.16 -1.80 -5.99
CA HIS A 21 -1.76 -1.18 -7.21
C HIS A 21 -0.71 -0.26 -7.88
N LEU A 22 0.12 0.38 -7.08
CA LEU A 22 1.19 1.31 -7.60
C LEU A 22 2.17 0.57 -8.53
N GLN A 23 2.22 -0.74 -8.50
CA GLN A 23 3.16 -1.46 -9.41
C GLN A 23 2.45 -1.86 -10.72
N VAL A 24 1.45 -1.11 -11.14
CA VAL A 24 0.68 -1.39 -12.40
C VAL A 24 0.26 -2.88 -12.46
N TRP A 25 -0.24 -3.41 -11.36
CA TRP A 25 -0.70 -4.84 -11.26
C TRP A 25 0.13 -5.80 -12.15
N ILE A 26 1.44 -5.69 -12.08
CA ILE A 26 2.34 -6.56 -12.90
C ILE A 26 2.31 -8.04 -12.42
N PRO A 27 2.09 -8.95 -13.36
CA PRO A 27 2.05 -10.40 -13.03
C PRO A 27 3.48 -10.97 -12.90
N PRO A 28 3.71 -11.77 -11.88
CA PRO A 28 5.06 -12.36 -11.65
C PRO A 28 5.38 -13.45 -12.71
N LEU A 29 4.46 -14.35 -12.98
CA LEU A 29 4.69 -15.44 -13.99
C LEU A 29 6.05 -16.15 -13.81
N ASN A 30 6.49 -16.33 -12.57
CA ASN A 30 7.79 -17.01 -12.28
C ASN A 30 9.01 -16.24 -12.86
N VAL A 31 8.83 -14.99 -13.23
CA VAL A 31 9.97 -14.18 -13.79
C VAL A 31 9.86 -12.74 -13.28
N ARG A 32 10.84 -12.29 -12.52
CA ARG A 32 10.79 -10.89 -11.99
C ARG A 32 12.12 -10.18 -12.29
N GLY A 33 12.14 -9.35 -13.30
CA GLY A 33 13.39 -8.61 -13.67
C GLY A 33 13.10 -7.71 -14.88
N LYS A 1 -14.32 6.06 20.82
CA LYS A 1 -14.96 6.72 19.63
C LYS A 1 -14.04 6.65 18.39
N LEU A 2 -13.48 5.49 18.12
CA LEU A 2 -12.57 5.31 16.94
C LEU A 2 -11.44 6.36 16.94
N PHE A 3 -10.68 6.42 18.01
CA PHE A 3 -9.55 7.40 18.10
C PHE A 3 -8.23 6.74 17.71
N LEU A 4 -7.95 5.59 18.25
CA LEU A 4 -6.66 4.88 17.91
C LEU A 4 -6.98 3.68 17.01
N ALA A 5 -5.97 2.91 16.65
CA ALA A 5 -6.16 1.70 15.75
C ALA A 5 -6.63 2.13 14.35
N ARG A 6 -7.80 2.70 14.25
CA ARG A 6 -8.34 3.16 12.92
C ARG A 6 -7.43 4.24 12.30
N LEU A 7 -6.63 4.92 13.09
CA LEU A 7 -5.73 5.97 12.52
C LEU A 7 -4.33 5.39 12.22
N ILE A 8 -3.96 4.28 12.82
CA ILE A 8 -2.61 3.68 12.57
C ILE A 8 -2.77 2.35 11.82
N TRP A 9 -3.48 1.40 12.41
CA TRP A 9 -3.67 0.07 11.74
C TRP A 9 -4.44 0.26 10.42
N TRP A 10 -5.52 0.99 10.44
CA TRP A 10 -6.32 1.23 9.18
C TRP A 10 -5.42 1.91 8.13
N LEU A 11 -4.64 2.89 8.53
CA LEU A 11 -3.73 3.59 7.57
C LEU A 11 -2.72 2.58 6.98
N GLN A 12 -2.19 1.72 7.80
CA GLN A 12 -1.20 0.69 7.31
C GLN A 12 -1.86 -0.21 6.26
N TYR A 13 -3.08 -0.63 6.50
CA TYR A 13 -3.82 -1.49 5.53
C TYR A 13 -4.05 -0.71 4.22
N PHE A 14 -4.34 0.56 4.33
CA PHE A 14 -4.57 1.40 3.12
C PHE A 14 -3.30 1.41 2.26
N ILE A 15 -2.14 1.48 2.89
CA ILE A 15 -0.84 1.48 2.15
C ILE A 15 -0.65 0.11 1.46
N THR A 16 -1.05 -0.97 2.12
CA THR A 16 -0.89 -2.34 1.50
C THR A 16 -1.62 -2.37 0.15
N ARG A 17 -2.85 -1.92 0.09
CA ARG A 17 -3.60 -1.92 -1.21
C ARG A 17 -2.95 -0.90 -2.16
N ALA A 18 -2.54 0.24 -1.65
CA ALA A 18 -1.90 1.28 -2.51
C ALA A 18 -0.58 0.72 -3.08
N GLU A 19 0.20 0.05 -2.26
CA GLU A 19 1.49 -0.53 -2.72
C GLU A 19 1.24 -1.62 -3.77
N ALA A 20 0.18 -2.39 -3.63
CA ALA A 20 -0.14 -3.48 -4.62
C ALA A 20 -0.14 -2.93 -6.06
N HIS A 21 -0.71 -1.77 -6.26
CA HIS A 21 -0.73 -1.18 -7.65
C HIS A 21 0.33 -0.08 -7.80
N LEU A 22 1.22 0.07 -6.82
CA LEU A 22 2.30 1.11 -6.90
C LEU A 22 3.64 0.48 -7.32
N GLN A 23 3.83 -0.80 -7.07
CA GLN A 23 5.12 -1.46 -7.46
C GLN A 23 5.04 -2.08 -8.86
N VAL A 24 4.31 -1.45 -9.78
CA VAL A 24 4.17 -1.97 -11.18
C VAL A 24 3.78 -3.46 -11.19
N TRP A 25 2.83 -3.84 -10.34
CA TRP A 25 2.35 -5.25 -10.23
C TRP A 25 3.50 -6.22 -9.87
N ILE A 26 4.31 -6.61 -10.85
CA ILE A 26 5.46 -7.55 -10.62
C ILE A 26 4.97 -8.97 -10.28
N PRO A 27 5.75 -9.96 -10.65
CA PRO A 27 5.39 -11.39 -10.38
C PRO A 27 5.57 -11.72 -8.89
N PRO A 28 4.73 -12.60 -8.39
CA PRO A 28 4.81 -13.02 -6.96
C PRO A 28 6.03 -13.92 -6.71
N LEU A 29 6.22 -14.35 -5.48
CA LEU A 29 7.38 -15.24 -5.17
C LEU A 29 6.91 -16.70 -4.99
N ASN A 30 6.10 -17.17 -5.93
CA ASN A 30 5.58 -18.58 -5.90
C ASN A 30 4.82 -18.86 -4.58
N VAL A 31 4.03 -17.90 -4.11
CA VAL A 31 3.26 -18.09 -2.84
C VAL A 31 1.76 -18.20 -3.16
N ARG A 32 1.23 -19.40 -3.21
CA ARG A 32 -0.22 -19.58 -3.51
C ARG A 32 -0.87 -20.52 -2.49
N GLY A 33 -0.87 -20.15 -1.23
CA GLY A 33 -1.47 -20.99 -0.16
C GLY A 33 -0.36 -21.66 0.65
N LYS A 1 -0.89 3.96 19.16
CA LYS A 1 -0.90 5.42 19.52
C LYS A 1 -2.18 5.78 20.28
N LEU A 2 -2.16 6.89 20.98
CA LEU A 2 -3.37 7.33 21.75
C LEU A 2 -4.35 8.06 20.83
N PHE A 3 -5.46 8.52 21.37
CA PHE A 3 -6.51 9.25 20.58
C PHE A 3 -7.24 8.29 19.63
N LEU A 4 -6.55 7.69 18.69
CA LEU A 4 -7.19 6.74 17.74
C LEU A 4 -6.61 5.33 17.95
N ALA A 5 -6.98 4.40 17.10
CA ALA A 5 -6.47 3.00 17.21
C ALA A 5 -6.77 2.25 15.90
N ARG A 6 -8.03 2.15 15.54
CA ARG A 6 -8.42 1.45 14.27
C ARG A 6 -7.98 2.29 13.06
N LEU A 7 -8.08 3.60 13.17
CA LEU A 7 -7.68 4.50 12.04
C LEU A 7 -6.17 4.31 11.76
N ILE A 8 -5.38 4.15 12.79
CA ILE A 8 -3.90 3.95 12.61
C ILE A 8 -3.68 2.60 11.89
N TRP A 9 -4.32 1.55 12.36
CA TRP A 9 -4.17 0.22 11.70
C TRP A 9 -4.70 0.31 10.26
N TRP A 10 -5.78 1.02 10.06
CA TRP A 10 -6.38 1.19 8.69
C TRP A 10 -5.32 1.81 7.77
N LEU A 11 -4.61 2.81 8.23
CA LEU A 11 -3.55 3.48 7.41
C LEU A 11 -2.43 2.46 7.08
N GLN A 12 -2.05 1.64 8.03
CA GLN A 12 -0.97 0.62 7.77
C GLN A 12 -1.45 -0.34 6.67
N TYR A 13 -2.71 -0.75 6.74
CA TYR A 13 -3.28 -1.67 5.71
C TYR A 13 -3.39 -0.91 4.38
N PHE A 14 -3.84 0.33 4.42
CA PHE A 14 -3.98 1.16 3.19
C PHE A 14 -2.64 1.27 2.46
N ILE A 15 -1.54 1.38 3.19
CA ILE A 15 -0.20 1.48 2.54
C ILE A 15 0.03 0.22 1.66
N THR A 16 -0.31 -0.94 2.17
CA THR A 16 -0.13 -2.21 1.37
C THR A 16 -1.05 -2.16 0.14
N ARG A 17 -2.27 -1.67 0.31
CA ARG A 17 -3.23 -1.58 -0.83
C ARG A 17 -2.67 -0.62 -1.90
N ALA A 18 -2.08 0.47 -1.48
CA ALA A 18 -1.50 1.47 -2.44
C ALA A 18 -0.33 0.85 -3.22
N GLU A 19 0.43 -0.01 -2.59
CA GLU A 19 1.59 -0.66 -3.29
C GLU A 19 1.08 -1.75 -4.26
N ALA A 20 -0.02 -2.39 -3.93
CA ALA A 20 -0.58 -3.47 -4.82
C ALA A 20 -1.02 -2.88 -6.17
N HIS A 21 -1.84 -1.85 -6.16
CA HIS A 21 -2.29 -1.23 -7.46
C HIS A 21 -1.16 -0.39 -8.10
N LEU A 22 -0.03 -0.26 -7.44
CA LEU A 22 1.12 0.53 -8.01
C LEU A 22 1.80 -0.27 -9.14
N GLN A 23 1.75 -1.58 -9.09
CA GLN A 23 2.40 -2.43 -10.15
C GLN A 23 1.37 -3.21 -10.99
N VAL A 24 0.20 -2.65 -11.25
CA VAL A 24 -0.83 -3.37 -12.06
C VAL A 24 -1.23 -2.57 -13.32
N TRP A 25 -0.48 -1.54 -13.67
CA TRP A 25 -0.83 -0.74 -14.87
C TRP A 25 -0.20 -1.37 -16.12
N ILE A 26 0.95 -1.97 -15.99
CA ILE A 26 1.62 -2.61 -17.17
C ILE A 26 1.05 -4.02 -17.37
N PRO A 27 0.66 -4.33 -18.60
CA PRO A 27 0.09 -5.67 -18.91
C PRO A 27 1.20 -6.73 -18.96
N PRO A 28 0.84 -7.95 -18.59
CA PRO A 28 1.82 -9.06 -18.59
C PRO A 28 2.13 -9.51 -20.03
N LEU A 29 3.31 -10.03 -20.25
CA LEU A 29 3.69 -10.49 -21.63
C LEU A 29 3.95 -12.01 -21.62
N ASN A 30 3.03 -12.77 -21.06
CA ASN A 30 3.19 -14.25 -21.00
C ASN A 30 1.81 -14.93 -21.06
N VAL A 31 1.09 -14.75 -22.14
CA VAL A 31 -0.27 -15.37 -22.29
C VAL A 31 -0.58 -15.56 -23.77
N ARG A 32 -0.76 -16.80 -24.20
CA ARG A 32 -1.06 -17.12 -25.64
C ARG A 32 0.17 -16.84 -26.53
N GLY A 33 0.62 -15.61 -26.59
CA GLY A 33 1.81 -15.26 -27.42
C GLY A 33 2.69 -14.30 -26.61
N LYS A 1 -8.16 5.31 26.87
CA LYS A 1 -8.14 4.40 25.68
C LYS A 1 -9.16 4.87 24.64
N LEU A 2 -8.81 5.85 23.85
CA LEU A 2 -9.74 6.38 22.79
C LEU A 2 -8.93 7.06 21.68
N PHE A 3 -9.60 7.41 20.59
CA PHE A 3 -8.94 8.09 19.41
C PHE A 3 -7.99 7.13 18.66
N LEU A 4 -6.97 6.63 19.32
CA LEU A 4 -6.00 5.70 18.64
C LEU A 4 -6.64 4.30 18.48
N ALA A 5 -5.84 3.32 18.11
CA ALA A 5 -6.34 1.92 17.90
C ALA A 5 -7.55 1.91 16.95
N ARG A 6 -7.42 2.57 15.82
CA ARG A 6 -8.54 2.62 14.81
C ARG A 6 -8.00 3.15 13.47
N LEU A 7 -7.43 4.34 13.48
CA LEU A 7 -6.89 4.93 12.22
C LEU A 7 -5.44 4.47 11.97
N ILE A 8 -4.76 3.94 12.97
CA ILE A 8 -3.35 3.47 12.77
C ILE A 8 -3.34 2.19 11.94
N TRP A 9 -4.19 1.24 12.27
CA TRP A 9 -4.25 -0.04 11.50
C TRP A 9 -4.80 0.23 10.10
N TRP A 10 -5.85 1.01 9.99
CA TRP A 10 -6.46 1.33 8.65
C TRP A 10 -5.40 2.00 7.76
N LEU A 11 -4.63 2.91 8.30
CA LEU A 11 -3.57 3.60 7.49
C LEU A 11 -2.53 2.58 6.99
N GLN A 12 -2.14 1.64 7.85
CA GLN A 12 -1.13 0.61 7.42
C GLN A 12 -1.69 -0.23 6.26
N TYR A 13 -2.93 -0.66 6.38
CA TYR A 13 -3.57 -1.48 5.29
C TYR A 13 -3.70 -0.64 4.01
N PHE A 14 -3.89 0.66 4.15
CA PHE A 14 -4.02 1.54 2.95
C PHE A 14 -2.67 1.61 2.22
N ILE A 15 -1.58 1.63 2.96
CA ILE A 15 -0.22 1.69 2.34
C ILE A 15 0.07 0.35 1.64
N THR A 16 -0.25 -0.76 2.26
CA THR A 16 0.00 -2.10 1.61
C THR A 16 -0.89 -2.23 0.37
N ARG A 17 -2.16 -1.89 0.50
CA ARG A 17 -3.10 -1.99 -0.67
C ARG A 17 -2.69 -0.98 -1.75
N ALA A 18 -2.25 0.20 -1.37
CA ALA A 18 -1.82 1.22 -2.38
C ALA A 18 -0.58 0.70 -3.14
N GLU A 19 0.33 0.05 -2.45
CA GLU A 19 1.55 -0.50 -3.14
C GLU A 19 1.13 -1.58 -4.15
N ALA A 20 0.21 -2.45 -3.77
CA ALA A 20 -0.26 -3.52 -4.71
C ALA A 20 -0.90 -2.89 -5.96
N HIS A 21 -1.68 -1.85 -5.77
CA HIS A 21 -2.34 -1.16 -6.92
C HIS A 21 -1.30 -0.46 -7.82
N LEU A 22 -0.18 -0.06 -7.25
CA LEU A 22 0.89 0.62 -8.05
C LEU A 22 1.78 -0.38 -8.81
N GLN A 23 1.72 -1.66 -8.50
CA GLN A 23 2.58 -2.67 -9.22
C GLN A 23 1.81 -3.42 -10.33
N VAL A 24 0.76 -2.85 -10.86
CA VAL A 24 -0.01 -3.54 -11.95
C VAL A 24 0.27 -2.91 -13.32
N TRP A 25 0.90 -1.77 -13.37
CA TRP A 25 1.21 -1.09 -14.67
C TRP A 25 2.69 -0.70 -14.73
N ILE A 26 3.57 -1.58 -14.31
CA ILE A 26 5.04 -1.29 -14.34
C ILE A 26 5.82 -2.57 -14.70
N PRO A 27 5.89 -2.87 -15.98
CA PRO A 27 6.61 -4.08 -16.45
C PRO A 27 8.13 -3.86 -16.42
N PRO A 28 8.81 -4.60 -15.57
CA PRO A 28 10.29 -4.47 -15.46
C PRO A 28 10.99 -5.27 -16.57
N LEU A 29 11.35 -6.52 -16.33
CA LEU A 29 12.03 -7.38 -17.36
C LEU A 29 13.14 -6.64 -18.13
N ASN A 30 13.83 -5.71 -17.49
CA ASN A 30 14.93 -4.92 -18.14
C ASN A 30 14.43 -4.25 -19.43
N VAL A 31 13.52 -3.32 -19.31
CA VAL A 31 12.99 -2.60 -20.51
C VAL A 31 13.87 -1.38 -20.82
N ARG A 32 14.19 -1.18 -22.08
CA ARG A 32 15.06 -0.01 -22.47
C ARG A 32 14.75 0.44 -23.91
N GLY A 33 15.64 1.21 -24.52
CA GLY A 33 15.42 1.69 -25.92
C GLY A 33 16.52 1.16 -26.84
N LYS A 1 -5.10 -1.97 18.83
CA LYS A 1 -4.91 -2.94 17.69
C LYS A 1 -6.19 -3.06 16.85
N LEU A 2 -6.04 -3.24 15.56
CA LEU A 2 -7.20 -3.38 14.61
C LEU A 2 -7.97 -2.04 14.53
N PHE A 3 -7.68 -1.27 13.51
CA PHE A 3 -8.31 0.08 13.27
C PHE A 3 -7.77 1.14 14.24
N LEU A 4 -7.61 0.83 15.50
CA LEU A 4 -7.09 1.83 16.48
C LEU A 4 -5.56 1.93 16.34
N ALA A 5 -4.79 1.67 17.39
CA ALA A 5 -3.29 1.78 17.30
C ALA A 5 -2.93 3.19 16.82
N ARG A 6 -3.51 4.20 17.43
CA ARG A 6 -3.25 5.63 17.03
C ARG A 6 -3.59 5.80 15.54
N LEU A 7 -4.65 5.13 15.11
CA LEU A 7 -5.09 5.18 13.67
C LEU A 7 -3.97 4.71 12.75
N ILE A 8 -3.10 3.83 13.22
CA ILE A 8 -1.98 3.32 12.37
C ILE A 8 -2.36 2.02 11.66
N TRP A 9 -3.08 1.14 12.34
CA TRP A 9 -3.50 -0.15 11.70
C TRP A 9 -4.37 0.09 10.48
N TRP A 10 -5.45 0.85 10.61
CA TRP A 10 -6.34 1.13 9.44
C TRP A 10 -5.56 1.85 8.33
N LEU A 11 -4.77 2.85 8.69
CA LEU A 11 -3.96 3.60 7.67
C LEU A 11 -3.02 2.61 6.95
N GLN A 12 -2.41 1.71 7.71
CA GLN A 12 -1.49 0.69 7.12
C GLN A 12 -2.28 -0.20 6.14
N TYR A 13 -3.51 -0.54 6.48
CA TYR A 13 -4.36 -1.39 5.60
C TYR A 13 -4.55 -0.70 4.24
N PHE A 14 -4.81 0.59 4.24
CA PHE A 14 -4.99 1.34 2.95
C PHE A 14 -3.65 1.42 2.21
N ILE A 15 -2.56 1.66 2.93
CA ILE A 15 -1.21 1.74 2.30
C ILE A 15 -0.90 0.44 1.54
N THR A 16 -1.41 -0.69 2.01
CA THR A 16 -1.16 -1.99 1.32
C THR A 16 -1.62 -1.91 -0.14
N ARG A 17 -2.81 -1.40 -0.39
CA ARG A 17 -3.28 -1.29 -1.81
C ARG A 17 -2.43 -0.23 -2.54
N ALA A 18 -2.07 0.84 -1.85
CA ALA A 18 -1.22 1.90 -2.47
C ALA A 18 0.14 1.35 -2.94
N GLU A 19 0.56 0.20 -2.45
CA GLU A 19 1.86 -0.39 -2.90
C GLU A 19 1.58 -1.63 -3.77
N ALA A 20 0.63 -2.46 -3.35
CA ALA A 20 0.28 -3.70 -4.11
C ALA A 20 -0.19 -3.38 -5.54
N HIS A 21 -0.87 -2.28 -5.77
CA HIS A 21 -1.32 -1.97 -7.17
C HIS A 21 -0.09 -1.89 -8.09
N LEU A 22 1.04 -1.49 -7.53
CA LEU A 22 2.32 -1.40 -8.31
C LEU A 22 3.20 -2.62 -7.95
N GLN A 23 2.56 -3.74 -7.60
CA GLN A 23 3.29 -4.99 -7.20
C GLN A 23 4.29 -4.71 -6.08
N VAL A 24 3.85 -4.04 -5.03
CA VAL A 24 4.69 -3.67 -3.85
C VAL A 24 6.13 -3.33 -4.27
N TRP A 25 6.27 -2.19 -4.93
CA TRP A 25 7.61 -1.72 -5.43
C TRP A 25 8.21 -2.73 -6.40
N ILE A 26 7.87 -2.63 -7.67
CA ILE A 26 8.41 -3.59 -8.68
C ILE A 26 9.69 -3.03 -9.35
N PRO A 27 10.81 -3.67 -9.06
CA PRO A 27 12.13 -3.23 -9.63
C PRO A 27 12.26 -3.38 -11.17
N PRO A 28 11.74 -4.44 -11.79
CA PRO A 28 11.87 -4.58 -13.26
C PRO A 28 11.05 -3.52 -14.00
N LEU A 29 11.69 -2.45 -14.42
CA LEU A 29 10.98 -1.36 -15.15
C LEU A 29 11.73 -0.98 -16.44
N ASN A 30 12.49 -1.89 -17.00
CA ASN A 30 13.26 -1.60 -18.25
C ASN A 30 12.30 -1.58 -19.45
N VAL A 31 11.38 -2.53 -19.50
CA VAL A 31 10.41 -2.58 -20.64
C VAL A 31 8.97 -2.59 -20.08
N ARG A 32 8.03 -2.10 -20.86
CA ARG A 32 6.60 -2.08 -20.39
C ARG A 32 5.77 -3.15 -21.11
N GLY A 33 6.38 -4.26 -21.48
CA GLY A 33 5.62 -5.35 -22.18
C GLY A 33 5.73 -5.14 -23.69
N LYS A 1 -4.59 14.16 24.09
CA LYS A 1 -3.87 12.92 24.48
C LYS A 1 -4.55 11.68 23.88
N LEU A 2 -3.84 10.57 23.78
CA LEU A 2 -4.40 9.30 23.21
C LEU A 2 -4.96 9.52 21.78
N PHE A 3 -4.10 9.91 20.87
CA PHE A 3 -4.55 10.14 19.46
C PHE A 3 -3.85 9.19 18.48
N LEU A 4 -2.59 8.87 18.71
CA LEU A 4 -1.85 7.95 17.80
C LEU A 4 -2.17 6.48 18.13
N ALA A 5 -1.42 5.55 17.56
CA ALA A 5 -1.64 4.08 17.82
C ALA A 5 -3.12 3.70 17.64
N ARG A 6 -3.71 4.10 16.54
CA ARG A 6 -5.15 3.78 16.28
C ARG A 6 -5.43 3.94 14.78
N LEU A 7 -5.32 5.15 14.26
CA LEU A 7 -5.57 5.38 12.81
C LEU A 7 -4.43 4.79 11.96
N ILE A 8 -3.24 4.62 12.53
CA ILE A 8 -2.10 4.03 11.75
C ILE A 8 -2.47 2.60 11.32
N TRP A 9 -3.19 1.87 12.16
CA TRP A 9 -3.58 0.47 11.80
C TRP A 9 -4.42 0.51 10.52
N TRP A 10 -5.41 1.36 10.46
CA TRP A 10 -6.27 1.46 9.23
C TRP A 10 -5.41 2.00 8.08
N LEU A 11 -4.55 2.96 8.35
CA LEU A 11 -3.66 3.52 7.28
C LEU A 11 -2.78 2.38 6.75
N GLN A 12 -2.28 1.53 7.63
CA GLN A 12 -1.42 0.37 7.21
C GLN A 12 -2.23 -0.53 6.26
N TYR A 13 -3.48 -0.80 6.59
CA TYR A 13 -4.35 -1.65 5.73
C TYR A 13 -4.45 -1.02 4.32
N PHE A 14 -4.66 0.27 4.26
CA PHE A 14 -4.77 0.98 2.95
C PHE A 14 -3.41 0.94 2.22
N ILE A 15 -2.32 1.10 2.93
CA ILE A 15 -0.96 1.08 2.30
C ILE A 15 -0.73 -0.29 1.62
N THR A 16 -1.19 -1.37 2.20
CA THR A 16 -0.98 -2.72 1.57
C THR A 16 -1.62 -2.74 0.17
N ARG A 17 -2.85 -2.29 0.05
CA ARG A 17 -3.51 -2.27 -1.30
C ARG A 17 -2.89 -1.14 -2.14
N ALA A 18 -2.64 -0.01 -1.54
CA ALA A 18 -2.03 1.14 -2.29
C ALA A 18 -0.64 0.77 -2.82
N GLU A 19 0.19 0.14 -2.00
CA GLU A 19 1.56 -0.26 -2.47
C GLU A 19 1.46 -1.26 -3.63
N ALA A 20 0.48 -2.14 -3.63
CA ALA A 20 0.32 -3.12 -4.75
C ALA A 20 0.11 -2.34 -6.05
N HIS A 21 -0.64 -1.26 -5.98
CA HIS A 21 -0.91 -0.40 -7.19
C HIS A 21 0.33 0.46 -7.49
N LEU A 22 1.12 0.76 -6.48
CA LEU A 22 2.37 1.59 -6.65
C LEU A 22 3.49 0.80 -7.37
N GLN A 23 3.33 -0.48 -7.60
CA GLN A 23 4.41 -1.27 -8.29
C GLN A 23 4.25 -1.14 -9.82
N VAL A 24 4.25 0.07 -10.31
CA VAL A 24 4.10 0.29 -11.79
C VAL A 24 4.86 1.56 -12.27
N TRP A 25 5.74 2.11 -11.47
CA TRP A 25 6.50 3.33 -11.90
C TRP A 25 7.92 3.39 -11.28
N ILE A 26 8.47 2.27 -10.85
CA ILE A 26 9.84 2.26 -10.24
C ILE A 26 10.92 2.64 -11.29
N PRO A 27 11.70 3.66 -10.98
CA PRO A 27 12.78 4.10 -11.91
C PRO A 27 13.93 3.08 -12.12
N PRO A 28 14.45 2.44 -11.08
CA PRO A 28 15.56 1.45 -11.29
C PRO A 28 15.04 0.23 -12.06
N LEU A 29 13.81 -0.17 -11.84
CA LEU A 29 13.24 -1.35 -12.56
C LEU A 29 12.15 -0.88 -13.54
N ASN A 30 12.47 0.11 -14.35
CA ASN A 30 11.49 0.65 -15.35
C ASN A 30 11.77 0.04 -16.72
N VAL A 31 12.97 0.18 -17.23
CA VAL A 31 13.38 -0.37 -18.56
C VAL A 31 12.64 0.35 -19.71
N ARG A 32 13.39 0.76 -20.72
CA ARG A 32 12.80 1.48 -21.91
C ARG A 32 11.97 2.70 -21.47
N GLY A 33 12.63 3.66 -20.87
CA GLY A 33 11.92 4.90 -20.40
C GLY A 33 12.62 6.14 -20.96
N LYS A 1 2.40 12.39 21.96
CA LYS A 1 1.57 13.23 21.04
C LYS A 1 0.16 12.63 20.88
N LEU A 2 -0.80 13.43 20.47
CA LEU A 2 -2.20 12.91 20.29
C LEU A 2 -2.52 12.78 18.79
N PHE A 3 -3.78 12.59 18.46
CA PHE A 3 -4.25 12.44 17.02
C PHE A 3 -3.78 11.12 16.39
N LEU A 4 -2.49 10.83 16.43
CA LEU A 4 -1.96 9.56 15.84
C LEU A 4 -2.35 8.34 16.70
N ALA A 5 -1.70 7.22 16.49
CA ALA A 5 -1.98 5.96 17.26
C ALA A 5 -3.46 5.52 17.13
N ARG A 6 -4.07 5.82 16.01
CA ARG A 6 -5.50 5.43 15.78
C ARG A 6 -5.69 5.12 14.30
N LEU A 7 -5.56 6.12 13.44
CA LEU A 7 -5.71 5.91 11.97
C LEU A 7 -4.47 5.21 11.39
N ILE A 8 -3.39 5.07 12.15
CA ILE A 8 -2.16 4.39 11.65
C ILE A 8 -2.50 2.96 11.24
N TRP A 9 -3.11 2.21 12.13
CA TRP A 9 -3.50 0.79 11.83
C TRP A 9 -4.42 0.76 10.60
N TRP A 10 -5.37 1.68 10.53
CA TRP A 10 -6.30 1.75 9.36
C TRP A 10 -5.49 2.08 8.09
N LEU A 11 -4.56 3.01 8.19
CA LEU A 11 -3.71 3.38 7.02
C LEU A 11 -2.87 2.17 6.59
N GLN A 12 -2.30 1.44 7.53
CA GLN A 12 -1.47 0.24 7.18
C GLN A 12 -2.32 -0.74 6.35
N TYR A 13 -3.56 -0.94 6.75
CA TYR A 13 -4.47 -1.87 6.00
C TYR A 13 -4.60 -1.39 4.54
N PHE A 14 -4.75 -0.10 4.35
CA PHE A 14 -4.87 0.46 2.96
C PHE A 14 -3.49 0.52 2.28
N ILE A 15 -2.43 0.73 3.03
CA ILE A 15 -1.06 0.80 2.43
C ILE A 15 -0.74 -0.53 1.74
N THR A 16 -1.15 -1.65 2.31
CA THR A 16 -0.88 -2.98 1.66
C THR A 16 -1.44 -2.98 0.23
N ARG A 17 -2.63 -2.43 0.07
CA ARG A 17 -3.25 -2.36 -1.29
C ARG A 17 -2.60 -1.21 -2.07
N ALA A 18 -2.37 -0.09 -1.42
CA ALA A 18 -1.74 1.10 -2.08
C ALA A 18 -0.37 0.72 -2.68
N GLU A 19 0.41 -0.08 -1.99
CA GLU A 19 1.75 -0.49 -2.53
C GLU A 19 1.57 -1.21 -3.88
N ALA A 20 0.59 -2.08 -3.96
CA ALA A 20 0.32 -2.81 -5.25
C ALA A 20 -0.11 -1.81 -6.33
N HIS A 21 -0.85 -0.79 -5.96
CA HIS A 21 -1.30 0.23 -6.94
C HIS A 21 -0.08 1.01 -7.45
N LEU A 22 0.89 1.24 -6.59
CA LEU A 22 2.13 1.98 -7.00
C LEU A 22 2.90 1.16 -8.05
N GLN A 23 2.86 -0.15 -7.97
CA GLN A 23 3.57 -1.00 -8.97
C GLN A 23 2.66 -1.20 -10.20
N VAL A 24 2.33 -0.11 -10.86
CA VAL A 24 1.44 -0.15 -12.07
C VAL A 24 0.17 -0.97 -11.77
N TRP A 25 -0.42 -0.78 -10.59
CA TRP A 25 -1.66 -1.52 -10.16
C TRP A 25 -1.69 -2.94 -10.75
N ILE A 26 -0.70 -3.74 -10.41
CA ILE A 26 -0.64 -5.14 -10.94
C ILE A 26 -1.89 -5.96 -10.52
N PRO A 27 -2.56 -6.51 -11.50
CA PRO A 27 -3.79 -7.33 -11.24
C PRO A 27 -3.41 -8.72 -10.72
N PRO A 28 -4.35 -9.40 -10.10
CA PRO A 28 -4.11 -10.75 -9.56
C PRO A 28 -4.26 -11.81 -10.67
N LEU A 29 -3.28 -11.91 -11.54
CA LEU A 29 -3.34 -12.91 -12.65
C LEU A 29 -2.45 -14.13 -12.37
N ASN A 30 -2.13 -14.39 -11.12
CA ASN A 30 -1.26 -15.57 -10.77
C ASN A 30 -1.51 -15.99 -9.31
N VAL A 31 -2.75 -16.05 -8.90
CA VAL A 31 -3.08 -16.46 -7.49
C VAL A 31 -4.24 -17.47 -7.48
N ARG A 32 -4.11 -18.52 -6.70
CA ARG A 32 -5.19 -19.55 -6.61
C ARG A 32 -5.60 -19.78 -5.14
N GLY A 33 -4.64 -19.94 -4.27
CA GLY A 33 -4.95 -20.16 -2.82
C GLY A 33 -4.17 -19.14 -1.99
N LYS A 1 -14.83 10.80 20.25
CA LYS A 1 -13.94 9.94 21.10
C LYS A 1 -13.18 8.95 20.21
N LEU A 2 -12.00 8.52 20.65
CA LEU A 2 -11.16 7.56 19.87
C LEU A 2 -10.79 8.15 18.50
N PHE A 3 -9.69 8.86 18.44
CA PHE A 3 -9.24 9.49 17.15
C PHE A 3 -8.04 8.73 16.57
N LEU A 4 -7.06 8.39 17.38
CA LEU A 4 -5.86 7.65 16.86
C LEU A 4 -6.07 6.14 17.01
N ALA A 5 -5.03 5.36 16.76
CA ALA A 5 -5.09 3.86 16.85
C ALA A 5 -5.95 3.27 15.73
N ARG A 6 -7.23 3.55 15.69
CA ARG A 6 -8.12 3.01 14.62
C ARG A 6 -7.67 3.54 13.25
N LEU A 7 -7.40 4.82 13.15
CA LEU A 7 -6.94 5.42 11.85
C LEU A 7 -5.54 4.88 11.51
N ILE A 8 -4.71 4.66 12.50
CA ILE A 8 -3.33 4.14 12.23
C ILE A 8 -3.44 2.72 11.63
N TRP A 9 -4.32 1.90 12.18
CA TRP A 9 -4.50 0.50 11.66
C TRP A 9 -4.98 0.57 10.19
N TRP A 10 -5.90 1.46 9.88
CA TRP A 10 -6.40 1.60 8.47
C TRP A 10 -5.25 2.02 7.55
N LEU A 11 -4.40 2.92 7.99
CA LEU A 11 -3.25 3.38 7.15
C LEU A 11 -2.29 2.21 6.90
N GLN A 12 -2.05 1.38 7.89
CA GLN A 12 -1.13 0.21 7.71
C GLN A 12 -1.76 -0.78 6.71
N TYR A 13 -3.07 -0.88 6.69
CA TYR A 13 -3.76 -1.81 5.75
C TYR A 13 -3.74 -1.18 4.34
N PHE A 14 -3.99 0.11 4.26
CA PHE A 14 -4.00 0.82 2.96
C PHE A 14 -2.57 0.97 2.40
N ILE A 15 -1.57 1.15 3.23
CA ILE A 15 -0.16 1.29 2.71
C ILE A 15 0.24 0.03 1.91
N THR A 16 -0.26 -1.13 2.28
CA THR A 16 0.09 -2.37 1.54
C THR A 16 -0.79 -2.46 0.27
N ARG A 17 -2.08 -2.28 0.43
CA ARG A 17 -3.02 -2.34 -0.74
C ARG A 17 -2.67 -1.24 -1.75
N ALA A 18 -2.37 -0.04 -1.28
CA ALA A 18 -2.00 1.09 -2.20
C ALA A 18 -0.72 0.72 -2.97
N GLU A 19 0.22 0.08 -2.33
CA GLU A 19 1.50 -0.31 -3.04
C GLU A 19 1.16 -1.20 -4.25
N ALA A 20 0.27 -2.16 -4.05
CA ALA A 20 -0.12 -3.06 -5.17
C ALA A 20 -0.87 -2.27 -6.25
N HIS A 21 -1.69 -1.32 -5.85
CA HIS A 21 -2.46 -0.47 -6.83
C HIS A 21 -1.47 0.32 -7.71
N LEU A 22 -0.37 0.76 -7.14
CA LEU A 22 0.66 1.52 -7.91
C LEU A 22 1.40 0.60 -8.90
N GLN A 23 1.51 -0.67 -8.58
CA GLN A 23 2.23 -1.63 -9.49
C GLN A 23 1.30 -2.19 -10.59
N VAL A 24 0.22 -1.51 -10.92
CA VAL A 24 -0.70 -2.02 -11.99
C VAL A 24 -0.69 -1.06 -13.21
N TRP A 25 0.32 -0.23 -13.31
CA TRP A 25 0.43 0.73 -14.45
C TRP A 25 1.24 0.10 -15.59
N ILE A 26 2.37 -0.49 -15.27
CA ILE A 26 3.23 -1.14 -16.32
C ILE A 26 2.56 -2.42 -16.84
N PRO A 27 2.48 -2.55 -18.15
CA PRO A 27 1.86 -3.75 -18.78
C PRO A 27 2.77 -4.98 -18.64
N PRO A 28 2.18 -6.15 -18.78
CA PRO A 28 2.95 -7.41 -18.67
C PRO A 28 3.79 -7.66 -19.94
N LEU A 29 4.96 -7.05 -19.99
CA LEU A 29 5.89 -7.19 -21.17
C LEU A 29 5.24 -6.66 -22.46
N ASN A 30 4.47 -5.60 -22.36
CA ASN A 30 3.82 -5.01 -23.57
C ASN A 30 4.18 -3.52 -23.68
N VAL A 31 5.46 -3.23 -23.73
CA VAL A 31 5.91 -1.80 -23.83
C VAL A 31 7.25 -1.73 -24.60
N ARG A 32 7.45 -0.69 -25.37
CA ARG A 32 8.72 -0.54 -26.15
C ARG A 32 9.17 0.92 -26.16
N GLY A 33 10.40 1.18 -25.79
CA GLY A 33 10.92 2.59 -25.77
C GLY A 33 11.50 2.89 -24.40
N LYS A 1 -7.79 -5.60 18.97
CA LYS A 1 -7.82 -4.77 17.72
C LYS A 1 -7.30 -3.36 18.02
N LEU A 2 -6.10 -3.05 17.57
CA LEU A 2 -5.52 -1.69 17.82
C LEU A 2 -5.55 -0.86 16.51
N PHE A 3 -6.72 -0.43 16.11
CA PHE A 3 -6.83 0.39 14.84
C PHE A 3 -6.45 1.86 15.06
N LEU A 4 -5.89 2.21 16.20
CA LEU A 4 -5.50 3.63 16.45
C LEU A 4 -4.00 3.78 16.15
N ALA A 5 -3.15 3.97 17.15
CA ALA A 5 -1.68 4.12 16.90
C ALA A 5 -1.47 5.24 15.86
N ARG A 6 -1.97 6.42 16.14
CA ARG A 6 -1.85 7.58 15.18
C ARG A 6 -2.45 7.14 13.84
N LEU A 7 -3.52 6.37 13.89
CA LEU A 7 -4.22 5.84 12.66
C LEU A 7 -3.27 4.96 11.81
N ILE A 8 -2.23 4.42 12.41
CA ILE A 8 -1.26 3.54 11.65
C ILE A 8 -1.95 2.25 11.20
N TRP A 9 -2.63 1.57 12.09
CA TRP A 9 -3.32 0.29 11.70
C TRP A 9 -4.38 0.56 10.63
N TRP A 10 -5.13 1.63 10.76
CA TRP A 10 -6.18 1.96 9.75
C TRP A 10 -5.52 2.28 8.39
N LEU A 11 -4.52 3.13 8.39
CA LEU A 11 -3.83 3.48 7.11
C LEU A 11 -3.04 2.28 6.58
N GLN A 12 -2.47 1.46 7.45
CA GLN A 12 -1.68 0.26 6.99
C GLN A 12 -2.62 -0.71 6.25
N TYR A 13 -3.85 -0.86 6.71
CA TYR A 13 -4.82 -1.78 6.02
C TYR A 13 -5.15 -1.27 4.61
N PHE A 14 -5.01 0.02 4.38
CA PHE A 14 -5.31 0.59 3.02
C PHE A 14 -4.01 0.85 2.25
N ILE A 15 -2.93 1.20 2.93
CA ILE A 15 -1.64 1.45 2.20
C ILE A 15 -1.17 0.16 1.52
N THR A 16 -1.49 -1.00 2.07
CA THR A 16 -1.08 -2.29 1.42
C THR A 16 -1.74 -2.39 0.04
N ARG A 17 -2.95 -1.88 -0.10
CA ARG A 17 -3.67 -1.90 -1.42
C ARG A 17 -2.95 -0.93 -2.37
N ALA A 18 -2.60 0.25 -1.88
CA ALA A 18 -1.90 1.26 -2.73
C ALA A 18 -0.46 0.77 -3.02
N GLU A 19 0.21 0.20 -2.04
CA GLU A 19 1.61 -0.32 -2.24
C GLU A 19 1.62 -1.40 -3.34
N ALA A 20 0.59 -2.20 -3.42
CA ALA A 20 0.54 -3.26 -4.49
C ALA A 20 0.57 -2.57 -5.85
N HIS A 21 -0.18 -1.50 -5.98
CA HIS A 21 -0.21 -0.72 -7.26
C HIS A 21 1.10 0.08 -7.41
N LEU A 22 1.72 0.45 -6.31
CA LEU A 22 3.01 1.22 -6.34
C LEU A 22 4.08 0.49 -7.17
N GLN A 23 4.14 -0.83 -7.06
CA GLN A 23 5.14 -1.62 -7.84
C GLN A 23 4.96 -1.42 -9.35
N VAL A 24 3.78 -1.03 -9.77
CA VAL A 24 3.51 -0.79 -11.23
C VAL A 24 3.88 0.67 -11.55
N TRP A 25 5.15 0.99 -11.41
CA TRP A 25 5.71 2.37 -11.67
C TRP A 25 4.73 3.50 -11.30
N ILE A 26 4.19 3.47 -10.11
CA ILE A 26 3.22 4.55 -9.68
C ILE A 26 3.97 5.84 -9.33
N PRO A 27 3.37 6.98 -9.63
CA PRO A 27 3.99 8.30 -9.33
C PRO A 27 3.84 8.64 -7.83
N PRO A 28 4.92 9.08 -7.21
CA PRO A 28 4.88 9.44 -5.76
C PRO A 28 4.35 10.88 -5.59
N LEU A 29 3.18 11.03 -4.99
CA LEU A 29 2.61 12.40 -4.78
C LEU A 29 2.37 12.69 -3.29
N ASN A 30 3.38 12.51 -2.47
CA ASN A 30 3.27 12.75 -0.99
C ASN A 30 2.16 11.88 -0.37
N VAL A 31 2.43 10.61 -0.22
CA VAL A 31 1.41 9.67 0.39
C VAL A 31 1.88 9.25 1.80
N ARG A 32 2.08 10.22 2.67
CA ARG A 32 2.54 9.98 4.08
C ARG A 32 4.00 9.50 4.11
N GLY A 33 4.31 8.38 3.50
CA GLY A 33 5.71 7.86 3.49
C GLY A 33 6.36 8.17 2.14
N LYS A 1 -3.77 -8.58 15.68
CA LYS A 1 -4.73 -7.67 16.38
C LYS A 1 -4.78 -6.32 15.65
N LEU A 2 -5.93 -5.99 15.07
CA LEU A 2 -6.05 -4.70 14.32
C LEU A 2 -6.95 -3.71 15.12
N PHE A 3 -7.47 -2.70 14.45
CA PHE A 3 -8.35 -1.65 15.09
C PHE A 3 -7.57 -0.80 16.11
N LEU A 4 -8.06 0.40 16.37
CA LEU A 4 -7.38 1.33 17.34
C LEU A 4 -5.89 1.44 17.02
N ALA A 5 -5.00 1.17 17.97
CA ALA A 5 -3.53 1.26 17.72
C ALA A 5 -3.19 2.64 17.16
N ARG A 6 -3.72 3.70 17.77
CA ARG A 6 -3.47 5.09 17.29
C ARG A 6 -3.83 5.17 15.79
N LEU A 7 -4.87 4.48 15.39
CA LEU A 7 -5.33 4.45 13.97
C LEU A 7 -4.20 3.99 13.03
N ILE A 8 -3.26 3.19 13.51
CA ILE A 8 -2.13 2.70 12.66
C ILE A 8 -2.66 1.63 11.67
N TRP A 9 -3.37 0.65 12.18
CA TRP A 9 -3.93 -0.44 11.30
C TRP A 9 -4.90 0.18 10.27
N TRP A 10 -5.70 1.14 10.69
CA TRP A 10 -6.66 1.80 9.75
C TRP A 10 -5.93 2.52 8.60
N LEU A 11 -4.71 2.95 8.84
CA LEU A 11 -3.93 3.67 7.76
C LEU A 11 -3.00 2.70 7.03
N GLN A 12 -2.29 1.86 7.75
CA GLN A 12 -1.36 0.89 7.08
C GLN A 12 -2.10 -0.05 6.11
N TYR A 13 -3.37 -0.33 6.33
CA TYR A 13 -4.12 -1.23 5.40
C TYR A 13 -4.27 -0.56 4.03
N PHE A 14 -4.54 0.74 4.01
CA PHE A 14 -4.67 1.48 2.73
C PHE A 14 -3.30 1.63 2.06
N ILE A 15 -2.26 1.88 2.83
CA ILE A 15 -0.89 2.04 2.24
C ILE A 15 -0.52 0.73 1.51
N THR A 16 -0.65 -0.40 2.17
CA THR A 16 -0.32 -1.71 1.53
C THR A 16 -1.17 -1.90 0.26
N ARG A 17 -2.41 -1.47 0.28
CA ARG A 17 -3.30 -1.62 -0.92
C ARG A 17 -2.74 -0.79 -2.09
N ALA A 18 -2.25 0.40 -1.80
CA ALA A 18 -1.68 1.28 -2.88
C ALA A 18 -0.40 0.64 -3.44
N GLU A 19 0.48 0.20 -2.58
CA GLU A 19 1.75 -0.44 -3.03
C GLU A 19 1.46 -1.72 -3.84
N ALA A 20 0.39 -2.42 -3.51
CA ALA A 20 0.04 -3.67 -4.25
C ALA A 20 -0.19 -3.35 -5.74
N HIS A 21 -1.12 -2.46 -6.04
CA HIS A 21 -1.37 -2.10 -7.47
C HIS A 21 -0.22 -1.26 -8.05
N LEU A 22 0.52 -0.57 -7.21
CA LEU A 22 1.66 0.28 -7.71
C LEU A 22 2.83 -0.61 -8.16
N GLN A 23 3.00 -1.77 -7.56
CA GLN A 23 4.12 -2.67 -7.97
C GLN A 23 3.68 -3.65 -9.08
N VAL A 24 2.88 -3.21 -10.01
CA VAL A 24 2.42 -4.11 -11.13
C VAL A 24 3.00 -3.60 -12.44
N TRP A 25 2.69 -2.39 -12.79
CA TRP A 25 3.21 -1.78 -14.05
C TRP A 25 4.04 -0.54 -13.70
N ILE A 26 5.34 -0.67 -13.69
CA ILE A 26 6.23 0.49 -13.35
C ILE A 26 7.15 0.82 -14.54
N PRO A 27 6.67 1.65 -15.44
CA PRO A 27 7.47 2.05 -16.64
C PRO A 27 8.58 3.04 -16.25
N PRO A 28 9.64 3.05 -17.03
CA PRO A 28 10.79 3.96 -16.76
C PRO A 28 10.41 5.42 -17.07
N LEU A 29 11.30 6.35 -16.78
CA LEU A 29 11.01 7.80 -17.05
C LEU A 29 11.67 8.22 -18.38
N ASN A 30 11.51 7.43 -19.41
CA ASN A 30 12.12 7.77 -20.74
C ASN A 30 11.16 8.66 -21.55
N VAL A 31 9.89 8.34 -21.55
CA VAL A 31 8.85 9.14 -22.30
C VAL A 31 9.14 9.19 -23.81
N ARG A 32 8.40 8.42 -24.58
CA ARG A 32 8.60 8.39 -26.06
C ARG A 32 7.59 9.33 -26.75
N GLY A 33 6.32 9.14 -26.50
CA GLY A 33 5.27 10.00 -27.14
C GLY A 33 4.24 10.41 -26.08
N LYS A 1 -6.54 6.64 26.66
CA LYS A 1 -5.92 7.63 25.73
C LYS A 1 -6.77 7.74 24.45
N LEU A 2 -6.81 8.92 23.86
CA LEU A 2 -7.60 9.13 22.61
C LEU A 2 -6.71 9.81 21.54
N PHE A 3 -7.29 10.55 20.62
CA PHE A 3 -6.54 11.27 19.53
C PHE A 3 -5.94 10.26 18.52
N LEU A 4 -5.00 9.44 18.94
CA LEU A 4 -4.39 8.42 18.03
C LEU A 4 -4.94 7.02 18.35
N ALA A 5 -4.24 5.98 17.92
CA ALA A 5 -4.67 4.56 18.18
C ALA A 5 -5.91 4.18 17.34
N ARG A 6 -6.02 2.92 16.99
CA ARG A 6 -7.17 2.38 16.17
C ARG A 6 -7.05 2.79 14.70
N LEU A 7 -6.83 4.06 14.44
CA LEU A 7 -6.70 4.53 13.02
C LEU A 7 -5.34 4.09 12.43
N ILE A 8 -4.32 3.92 13.25
CA ILE A 8 -2.98 3.49 12.74
C ILE A 8 -3.13 2.19 11.93
N TRP A 9 -3.90 1.24 12.44
CA TRP A 9 -4.12 -0.06 11.72
C TRP A 9 -4.72 0.22 10.33
N TRP A 10 -5.77 1.01 10.29
CA TRP A 10 -6.43 1.35 8.98
C TRP A 10 -5.43 1.95 7.99
N LEU A 11 -4.61 2.88 8.45
CA LEU A 11 -3.60 3.52 7.56
C LEU A 11 -2.60 2.47 7.04
N GLN A 12 -2.18 1.54 7.88
CA GLN A 12 -1.23 0.48 7.44
C GLN A 12 -1.86 -0.34 6.29
N TYR A 13 -3.14 -0.62 6.40
CA TYR A 13 -3.85 -1.40 5.33
C TYR A 13 -3.99 -0.54 4.06
N PHE A 14 -4.17 0.76 4.24
CA PHE A 14 -4.32 1.69 3.06
C PHE A 14 -3.02 1.72 2.24
N ILE A 15 -1.87 1.75 2.90
CA ILE A 15 -0.56 1.78 2.18
C ILE A 15 -0.28 0.43 1.51
N THR A 16 -0.48 -0.67 2.22
CA THR A 16 -0.22 -2.03 1.63
C THR A 16 -1.04 -2.18 0.33
N ARG A 17 -2.31 -1.82 0.36
CA ARG A 17 -3.16 -1.92 -0.86
C ARG A 17 -2.67 -0.96 -1.94
N ALA A 18 -2.26 0.24 -1.56
CA ALA A 18 -1.75 1.23 -2.55
C ALA A 18 -0.51 0.68 -3.27
N GLU A 19 0.43 0.15 -2.52
CA GLU A 19 1.68 -0.43 -3.13
C GLU A 19 1.34 -1.63 -4.04
N ALA A 20 0.25 -2.32 -3.76
CA ALA A 20 -0.15 -3.51 -4.59
C ALA A 20 -0.58 -3.08 -5.99
N HIS A 21 -1.40 -2.05 -6.10
CA HIS A 21 -1.85 -1.59 -7.46
C HIS A 21 -0.83 -0.61 -8.06
N LEU A 22 -0.13 0.15 -7.25
CA LEU A 22 0.87 1.14 -7.78
C LEU A 22 2.00 0.42 -8.53
N GLN A 23 2.42 -0.76 -8.08
CA GLN A 23 3.53 -1.49 -8.79
C GLN A 23 3.13 -1.83 -10.24
N VAL A 24 1.85 -1.99 -10.49
CA VAL A 24 1.36 -2.31 -11.88
C VAL A 24 0.91 -1.03 -12.61
N TRP A 25 1.23 0.14 -12.09
CA TRP A 25 0.81 1.41 -12.75
C TRP A 25 1.80 2.54 -12.44
N ILE A 26 2.65 2.88 -13.39
CA ILE A 26 3.65 3.97 -13.17
C ILE A 26 4.13 4.56 -14.52
N PRO A 27 3.18 5.11 -15.25
CA PRO A 27 3.45 5.72 -16.59
C PRO A 27 4.41 6.93 -16.58
N PRO A 28 4.35 7.82 -15.60
CA PRO A 28 5.29 8.99 -15.59
C PRO A 28 6.76 8.55 -15.41
N LEU A 29 7.20 8.29 -14.20
CA LEU A 29 8.63 7.85 -13.95
C LEU A 29 9.65 8.77 -14.67
N ASN A 30 9.32 10.03 -14.85
CA ASN A 30 10.25 10.98 -15.53
C ASN A 30 10.35 12.27 -14.70
N VAL A 31 10.75 12.14 -13.45
CA VAL A 31 10.87 13.34 -12.56
C VAL A 31 12.22 13.33 -11.83
N ARG A 32 12.52 14.37 -11.10
CA ARG A 32 13.82 14.44 -10.34
C ARG A 32 13.70 13.66 -9.02
N GLY A 33 14.57 12.70 -8.80
CA GLY A 33 14.53 11.90 -7.55
C GLY A 33 15.73 10.96 -7.48
N LYS A 1 -7.33 14.33 21.54
CA LYS A 1 -7.25 13.18 22.51
C LYS A 1 -6.96 11.88 21.74
N LEU A 2 -5.70 11.46 21.73
CA LEU A 2 -5.29 10.21 21.01
C LEU A 2 -5.63 10.29 19.51
N PHE A 3 -4.73 10.86 18.74
CA PHE A 3 -4.98 10.99 17.26
C PHE A 3 -4.39 9.79 16.51
N LEU A 4 -3.33 9.19 17.02
CA LEU A 4 -2.71 8.01 16.35
C LEU A 4 -3.02 6.73 17.14
N ALA A 5 -2.09 5.78 17.21
CA ALA A 5 -2.28 4.48 17.96
C ALA A 5 -3.34 3.62 17.25
N ARG A 6 -4.60 4.00 17.32
CA ARG A 6 -5.67 3.20 16.64
C ARG A 6 -5.89 3.69 15.20
N LEU A 7 -5.01 4.53 14.68
CA LEU A 7 -5.16 5.05 13.29
C LEU A 7 -4.08 4.45 12.37
N ILE A 8 -2.92 4.13 12.91
CA ILE A 8 -1.80 3.54 12.08
C ILE A 8 -2.26 2.21 11.44
N TRP A 9 -2.76 1.30 12.24
CA TRP A 9 -3.23 -0.01 11.68
C TRP A 9 -4.38 0.18 10.66
N TRP A 10 -5.22 1.17 10.86
CA TRP A 10 -6.33 1.42 9.89
C TRP A 10 -5.78 2.05 8.62
N LEU A 11 -4.86 2.99 8.76
CA LEU A 11 -4.26 3.65 7.55
C LEU A 11 -3.35 2.64 6.83
N GLN A 12 -2.61 1.86 7.57
CA GLN A 12 -1.71 0.82 6.96
C GLN A 12 -2.53 -0.14 6.09
N TYR A 13 -3.76 -0.43 6.49
CA TYR A 13 -4.64 -1.35 5.70
C TYR A 13 -4.74 -0.82 4.25
N PHE A 14 -4.90 0.48 4.10
CA PHE A 14 -4.99 1.08 2.73
C PHE A 14 -3.58 1.15 2.10
N ILE A 15 -2.56 1.40 2.91
CA ILE A 15 -1.16 1.49 2.37
C ILE A 15 -0.77 0.17 1.68
N THR A 16 -1.18 -0.96 2.22
CA THR A 16 -0.85 -2.28 1.57
C THR A 16 -1.44 -2.30 0.15
N ARG A 17 -2.66 -1.84 0.01
CA ARG A 17 -3.32 -1.81 -1.35
C ARG A 17 -2.53 -0.86 -2.26
N ALA A 18 -2.16 0.31 -1.77
CA ALA A 18 -1.38 1.28 -2.60
C ALA A 18 -0.08 0.64 -3.09
N GLU A 19 0.59 -0.12 -2.25
CA GLU A 19 1.86 -0.79 -2.67
C GLU A 19 1.57 -1.77 -3.82
N ALA A 20 0.51 -2.54 -3.70
CA ALA A 20 0.14 -3.51 -4.78
C ALA A 20 -0.11 -2.75 -6.09
N HIS A 21 -0.74 -1.60 -6.01
CA HIS A 21 -1.02 -0.77 -7.23
C HIS A 21 0.31 -0.37 -7.89
N LEU A 22 1.30 -0.02 -7.09
CA LEU A 22 2.63 0.40 -7.65
C LEU A 22 3.35 -0.80 -8.31
N GLN A 23 2.97 -2.01 -8.00
CA GLN A 23 3.64 -3.20 -8.62
C GLN A 23 2.88 -3.68 -9.87
N VAL A 24 2.13 -2.82 -10.52
CA VAL A 24 1.38 -3.22 -11.76
C VAL A 24 2.08 -2.70 -13.03
N TRP A 25 3.01 -1.78 -12.89
CA TRP A 25 3.73 -1.23 -14.08
C TRP A 25 5.25 -1.29 -13.85
N ILE A 26 5.77 -2.45 -13.51
CA ILE A 26 7.23 -2.59 -13.27
C ILE A 26 7.72 -3.93 -13.85
N PRO A 27 8.05 -3.93 -15.13
CA PRO A 27 8.54 -5.17 -15.80
C PRO A 27 9.96 -5.52 -15.34
N PRO A 28 10.12 -6.69 -14.76
CA PRO A 28 11.45 -7.14 -14.27
C PRO A 28 12.28 -7.82 -15.39
N LEU A 29 11.96 -9.04 -15.76
CA LEU A 29 12.73 -9.74 -16.86
C LEU A 29 11.93 -10.93 -17.43
N ASN A 30 10.65 -10.74 -17.67
CA ASN A 30 9.81 -11.85 -18.23
C ASN A 30 9.51 -11.60 -19.73
N VAL A 31 10.47 -11.11 -20.47
CA VAL A 31 10.27 -10.86 -21.93
C VAL A 31 10.81 -12.02 -22.77
N ARG A 32 10.13 -12.36 -23.84
CA ARG A 32 10.60 -13.49 -24.71
C ARG A 32 10.03 -13.35 -26.13
N GLY A 33 10.29 -14.30 -26.99
CA GLY A 33 9.78 -14.25 -28.40
C GLY A 33 8.63 -15.24 -28.56
N LYS A 1 -2.27 -0.47 25.78
CA LYS A 1 -2.55 -0.03 24.38
C LYS A 1 -4.05 0.27 24.22
N LEU A 2 -4.50 1.39 24.71
CA LEU A 2 -5.95 1.76 24.58
C LEU A 2 -6.10 3.21 24.08
N PHE A 3 -5.23 3.61 23.19
CA PHE A 3 -5.27 5.00 22.62
C PHE A 3 -4.63 4.99 21.23
N LEU A 4 -3.40 4.54 21.15
CA LEU A 4 -2.68 4.47 19.83
C LEU A 4 -2.91 3.08 19.20
N ALA A 5 -2.11 2.71 18.22
CA ALA A 5 -2.26 1.37 17.55
C ALA A 5 -3.66 1.21 16.93
N ARG A 6 -4.31 2.30 16.57
CA ARG A 6 -5.67 2.23 15.96
C ARG A 6 -5.70 3.04 14.67
N LEU A 7 -5.37 4.32 14.74
CA LEU A 7 -5.36 5.17 13.50
C LEU A 7 -4.32 4.63 12.53
N ILE A 8 -3.21 4.14 13.04
CA ILE A 8 -2.13 3.57 12.16
C ILE A 8 -2.64 2.25 11.55
N TRP A 9 -3.31 1.44 12.34
CA TRP A 9 -3.86 0.14 11.82
C TRP A 9 -4.83 0.39 10.67
N TRP A 10 -5.56 1.49 10.72
CA TRP A 10 -6.53 1.82 9.62
C TRP A 10 -5.76 2.29 8.37
N LEU A 11 -4.75 3.12 8.58
CA LEU A 11 -3.94 3.63 7.43
C LEU A 11 -3.06 2.52 6.83
N GLN A 12 -2.33 1.79 7.66
CA GLN A 12 -1.45 0.68 7.16
C GLN A 12 -2.25 -0.32 6.29
N TYR A 13 -3.52 -0.49 6.57
CA TYR A 13 -4.36 -1.44 5.77
C TYR A 13 -4.40 -0.96 4.30
N PHE A 14 -4.58 0.32 4.10
CA PHE A 14 -4.62 0.87 2.70
C PHE A 14 -3.20 1.02 2.12
N ILE A 15 -2.19 1.27 2.93
CA ILE A 15 -0.80 1.42 2.40
C ILE A 15 -0.39 0.15 1.66
N THR A 16 -0.66 -1.00 2.23
CA THR A 16 -0.31 -2.31 1.56
C THR A 16 -1.12 -2.43 0.26
N ARG A 17 -2.41 -2.14 0.33
CA ARG A 17 -3.29 -2.21 -0.90
C ARG A 17 -2.79 -1.19 -1.94
N ALA A 18 -2.43 0.00 -1.50
CA ALA A 18 -1.93 1.04 -2.44
C ALA A 18 -0.63 0.55 -3.09
N GLU A 19 0.27 -0.02 -2.32
CA GLU A 19 1.56 -0.53 -2.90
C GLU A 19 1.29 -1.56 -4.01
N ALA A 20 0.24 -2.34 -3.90
CA ALA A 20 -0.08 -3.36 -4.95
C ALA A 20 -0.20 -2.69 -6.33
N HIS A 21 -0.75 -1.50 -6.39
CA HIS A 21 -0.88 -0.79 -7.71
C HIS A 21 0.18 0.33 -7.84
N LEU A 22 0.65 0.88 -6.74
CA LEU A 22 1.67 1.98 -6.81
C LEU A 22 3.09 1.39 -6.98
N GLN A 23 3.35 0.21 -6.43
CA GLN A 23 4.71 -0.40 -6.57
C GLN A 23 4.75 -1.36 -7.77
N VAL A 24 3.86 -1.20 -8.73
CA VAL A 24 3.87 -2.10 -9.93
C VAL A 24 4.31 -1.31 -11.19
N TRP A 25 4.99 -0.19 -11.01
CA TRP A 25 5.45 0.62 -12.16
C TRP A 25 6.94 1.00 -11.99
N ILE A 26 7.75 0.08 -11.52
CA ILE A 26 9.20 0.37 -11.32
C ILE A 26 10.03 -0.87 -11.70
N PRO A 27 11.06 -0.67 -12.50
CA PRO A 27 11.93 -1.79 -12.93
C PRO A 27 12.73 -2.48 -11.80
N PRO A 28 13.29 -1.74 -10.85
CA PRO A 28 14.04 -2.40 -9.74
C PRO A 28 13.10 -3.17 -8.81
N LEU A 29 13.63 -3.88 -7.85
CA LEU A 29 12.75 -4.66 -6.90
C LEU A 29 12.52 -3.89 -5.59
N ASN A 30 12.79 -2.59 -5.57
CA ASN A 30 12.58 -1.75 -4.34
C ASN A 30 13.30 -2.36 -3.12
N VAL A 31 14.50 -2.87 -3.30
CA VAL A 31 15.26 -3.49 -2.16
C VAL A 31 16.77 -3.51 -2.48
N ARG A 32 17.60 -3.51 -1.46
CA ARG A 32 19.08 -3.54 -1.69
C ARG A 32 19.57 -4.97 -1.99
N GLY A 33 20.81 -5.12 -2.38
CA GLY A 33 21.37 -6.46 -2.70
C GLY A 33 21.85 -7.13 -1.41
N LYS A 1 -5.92 -6.13 14.44
CA LYS A 1 -7.27 -5.69 14.91
C LYS A 1 -7.46 -4.19 14.64
N LEU A 2 -8.62 -3.80 14.18
CA LEU A 2 -8.89 -2.35 13.91
C LEU A 2 -9.64 -1.72 15.09
N PHE A 3 -8.98 -0.89 15.86
CA PHE A 3 -9.66 -0.25 17.04
C PHE A 3 -9.10 1.16 17.30
N LEU A 4 -7.88 1.26 17.78
CA LEU A 4 -7.30 2.62 18.05
C LEU A 4 -5.87 2.73 17.48
N ALA A 5 -4.84 2.71 18.32
CA ALA A 5 -3.43 2.83 17.82
C ALA A 5 -3.31 4.11 16.99
N ARG A 6 -3.88 5.21 17.46
CA ARG A 6 -3.84 6.51 16.71
C ARG A 6 -4.34 6.29 15.28
N LEU A 7 -5.28 5.37 15.11
CA LEU A 7 -5.85 5.03 13.77
C LEU A 7 -4.74 4.58 12.80
N ILE A 8 -3.63 4.10 13.33
CA ILE A 8 -2.48 3.62 12.47
C ILE A 8 -2.88 2.34 11.73
N TRP A 9 -3.60 1.45 12.39
CA TRP A 9 -4.03 0.18 11.73
C TRP A 9 -4.89 0.50 10.51
N TRP A 10 -5.76 1.47 10.62
CA TRP A 10 -6.65 1.88 9.48
C TRP A 10 -5.77 2.35 8.31
N LEU A 11 -4.78 3.16 8.57
CA LEU A 11 -3.87 3.66 7.50
C LEU A 11 -2.92 2.55 7.04
N GLN A 12 -2.45 1.71 7.94
CA GLN A 12 -1.51 0.60 7.58
C GLN A 12 -2.17 -0.31 6.52
N TYR A 13 -3.44 -0.60 6.66
CA TYR A 13 -4.16 -1.46 5.68
C TYR A 13 -4.14 -0.80 4.29
N PHE A 14 -4.34 0.50 4.25
CA PHE A 14 -4.32 1.25 2.95
C PHE A 14 -2.93 1.16 2.30
N ILE A 15 -1.88 1.22 3.09
CA ILE A 15 -0.48 1.14 2.55
C ILE A 15 -0.26 -0.24 1.91
N THR A 16 -0.75 -1.30 2.55
CA THR A 16 -0.57 -2.67 1.97
C THR A 16 -1.69 -2.92 0.94
N ARG A 17 -1.80 -2.05 -0.04
CA ARG A 17 -2.83 -2.16 -1.11
C ARG A 17 -2.47 -1.16 -2.23
N ALA A 18 -2.27 0.09 -1.90
CA ALA A 18 -1.90 1.13 -2.92
C ALA A 18 -0.56 0.75 -3.59
N GLU A 19 0.39 0.30 -2.80
CA GLU A 19 1.73 -0.11 -3.34
C GLU A 19 1.54 -1.19 -4.42
N ALA A 20 0.68 -2.15 -4.16
CA ALA A 20 0.42 -3.24 -5.15
C ALA A 20 -0.26 -2.65 -6.40
N HIS A 21 -1.17 -1.71 -6.21
CA HIS A 21 -1.89 -1.08 -7.38
C HIS A 21 -0.87 -0.34 -8.27
N LEU A 22 0.14 0.25 -7.68
CA LEU A 22 1.17 0.98 -8.48
C LEU A 22 1.98 -0.01 -9.34
N GLN A 23 2.15 -1.22 -8.87
CA GLN A 23 2.91 -2.25 -9.66
C GLN A 23 1.97 -2.99 -10.62
N VAL A 24 2.56 -3.66 -11.60
CA VAL A 24 1.81 -4.45 -12.64
C VAL A 24 0.69 -3.63 -13.33
N TRP A 25 0.73 -2.32 -13.23
CA TRP A 25 -0.31 -1.47 -13.86
C TRP A 25 0.37 -0.45 -14.79
N ILE A 26 0.96 -0.92 -15.86
CA ILE A 26 1.65 -0.01 -16.82
C ILE A 26 1.18 -0.30 -18.26
N PRO A 27 0.96 0.75 -19.02
CA PRO A 27 0.49 0.58 -20.43
C PRO A 27 1.66 0.10 -21.33
N PRO A 28 1.40 -0.95 -22.10
CA PRO A 28 2.45 -1.50 -23.00
C PRO A 28 2.63 -0.62 -24.25
N LEU A 29 3.80 -0.04 -24.41
CA LEU A 29 4.11 0.85 -25.58
C LEU A 29 3.09 1.99 -25.70
N ASN A 30 2.92 2.75 -24.64
CA ASN A 30 1.94 3.90 -24.68
C ASN A 30 2.55 5.12 -25.38
N VAL A 31 3.86 5.27 -25.39
CA VAL A 31 4.51 6.43 -26.06
C VAL A 31 5.64 5.94 -26.97
N ARG A 32 5.85 6.61 -28.09
CA ARG A 32 6.93 6.21 -29.04
C ARG A 32 8.08 7.24 -28.97
N GLY A 33 8.59 7.49 -27.80
CA GLY A 33 9.70 8.48 -27.63
C GLY A 33 9.30 9.54 -26.60
N LYS A 1 -9.06 -5.93 16.63
CA LYS A 1 -9.46 -4.51 16.38
C LYS A 1 -8.42 -3.82 15.49
N LEU A 2 -8.86 -3.20 14.41
CA LEU A 2 -7.91 -2.50 13.50
C LEU A 2 -8.05 -0.97 13.68
N PHE A 3 -8.07 -0.53 14.92
CA PHE A 3 -8.22 0.94 15.20
C PHE A 3 -7.11 1.40 16.15
N LEU A 4 -7.25 2.57 16.74
CA LEU A 4 -6.23 3.13 17.70
C LEU A 4 -4.81 3.01 17.11
N ALA A 5 -3.80 2.75 17.92
CA ALA A 5 -2.38 2.64 17.39
C ALA A 5 -2.07 3.91 16.59
N ARG A 6 -2.39 5.07 17.16
CA ARG A 6 -2.15 6.37 16.46
C ARG A 6 -2.77 6.32 15.06
N LEU A 7 -3.91 5.64 14.96
CA LEU A 7 -4.64 5.46 13.66
C LEU A 7 -3.71 4.86 12.59
N ILE A 8 -2.78 4.02 13.00
CA ILE A 8 -1.83 3.40 12.02
C ILE A 8 -2.45 2.15 11.36
N TRP A 9 -3.03 1.26 12.13
CA TRP A 9 -3.65 0.02 11.56
C TRP A 9 -4.64 0.36 10.43
N TRP A 10 -5.53 1.31 10.63
CA TRP A 10 -6.51 1.68 9.56
C TRP A 10 -5.75 2.23 8.34
N LEU A 11 -4.74 3.06 8.56
CA LEU A 11 -3.96 3.64 7.43
C LEU A 11 -3.12 2.54 6.76
N GLN A 12 -2.48 1.70 7.56
CA GLN A 12 -1.63 0.59 7.01
C GLN A 12 -2.44 -0.31 6.07
N TYR A 13 -3.69 -0.59 6.41
CA TYR A 13 -4.55 -1.45 5.52
C TYR A 13 -4.61 -0.83 4.11
N PHE A 14 -4.75 0.48 4.05
CA PHE A 14 -4.80 1.19 2.73
C PHE A 14 -3.40 1.26 2.11
N ILE A 15 -2.38 1.47 2.92
CA ILE A 15 -0.97 1.54 2.41
C ILE A 15 -0.56 0.23 1.72
N THR A 16 -0.86 -0.91 2.33
CA THR A 16 -0.48 -2.22 1.68
C THR A 16 -1.19 -2.35 0.32
N ARG A 17 -2.47 -2.03 0.26
CA ARG A 17 -3.22 -2.11 -1.03
C ARG A 17 -2.65 -1.09 -2.02
N ALA A 18 -2.34 0.10 -1.55
CA ALA A 18 -1.76 1.16 -2.44
C ALA A 18 -0.41 0.68 -3.00
N GLU A 19 0.40 0.03 -2.19
CA GLU A 19 1.73 -0.48 -2.66
C GLU A 19 1.53 -1.50 -3.80
N ALA A 20 0.56 -2.39 -3.64
CA ALA A 20 0.28 -3.42 -4.70
C ALA A 20 -0.14 -2.75 -6.03
N HIS A 21 -0.87 -1.66 -5.97
CA HIS A 21 -1.29 -0.97 -7.23
C HIS A 21 -0.16 -0.09 -7.79
N LEU A 22 0.76 0.35 -6.96
CA LEU A 22 1.89 1.20 -7.47
C LEU A 22 2.64 0.49 -8.60
N GLN A 23 2.92 -0.78 -8.47
CA GLN A 23 3.64 -1.53 -9.55
C GLN A 23 2.74 -1.76 -10.79
N VAL A 24 1.46 -1.53 -10.66
CA VAL A 24 0.51 -1.73 -11.82
C VAL A 24 0.05 -0.38 -12.39
N TRP A 25 0.67 0.72 -11.99
CA TRP A 25 0.26 2.06 -12.50
C TRP A 25 1.46 3.03 -12.47
N ILE A 26 2.44 2.77 -13.29
CA ILE A 26 3.66 3.65 -13.34
C ILE A 26 4.03 3.95 -14.80
N PRO A 27 4.11 5.22 -15.14
CA PRO A 27 4.48 5.61 -16.54
C PRO A 27 5.91 5.18 -16.94
N PRO A 28 6.91 5.30 -16.08
CA PRO A 28 8.29 4.88 -16.47
C PRO A 28 8.38 3.34 -16.55
N LEU A 29 8.99 2.82 -17.58
CA LEU A 29 9.10 1.33 -17.72
C LEU A 29 10.45 0.95 -18.38
N ASN A 30 11.54 1.21 -17.70
CA ASN A 30 12.90 0.86 -18.24
C ASN A 30 13.14 -0.65 -18.15
N VAL A 31 12.94 -1.22 -16.98
CA VAL A 31 13.14 -2.70 -16.76
C VAL A 31 14.62 -3.10 -17.00
N ARG A 32 14.95 -4.34 -16.75
CA ARG A 32 16.36 -4.82 -16.95
C ARG A 32 16.63 -5.06 -18.44
N GLY A 33 17.83 -4.77 -18.89
CA GLY A 33 18.18 -4.97 -20.33
C GLY A 33 18.88 -6.32 -20.50
N LYS A 1 0.15 -6.21 17.46
CA LYS A 1 -0.41 -4.86 17.73
C LYS A 1 -1.30 -4.41 16.55
N LEU A 2 -2.58 -4.73 16.62
CA LEU A 2 -3.51 -4.34 15.51
C LEU A 2 -4.74 -3.62 16.10
N PHE A 3 -4.50 -2.62 16.92
CA PHE A 3 -5.64 -1.86 17.53
C PHE A 3 -5.18 -0.44 17.90
N LEU A 4 -6.01 0.55 17.65
CA LEU A 4 -5.68 1.98 17.96
C LEU A 4 -4.31 2.35 17.37
N ALA A 5 -3.25 2.42 18.17
CA ALA A 5 -1.89 2.78 17.64
C ALA A 5 -1.98 4.10 16.86
N ARG A 6 -2.60 5.11 17.44
CA ARG A 6 -2.76 6.43 16.76
C ARG A 6 -3.42 6.19 15.39
N LEU A 7 -4.31 5.22 15.33
CA LEU A 7 -5.04 4.84 14.08
C LEU A 7 -4.07 4.48 12.94
N ILE A 8 -2.87 4.02 13.25
CA ILE A 8 -1.87 3.65 12.18
C ILE A 8 -2.32 2.38 11.46
N TRP A 9 -2.65 1.35 12.20
CA TRP A 9 -3.10 0.05 11.60
C TRP A 9 -4.24 0.26 10.58
N TRP A 10 -5.22 1.10 10.90
CA TRP A 10 -6.34 1.35 9.94
C TRP A 10 -5.78 1.90 8.62
N LEU A 11 -4.89 2.87 8.71
CA LEU A 11 -4.28 3.46 7.47
C LEU A 11 -3.30 2.46 6.85
N GLN A 12 -2.67 1.62 7.65
CA GLN A 12 -1.70 0.60 7.12
C GLN A 12 -2.41 -0.31 6.10
N TYR A 13 -3.62 -0.73 6.40
CA TYR A 13 -4.38 -1.61 5.46
C TYR A 13 -4.53 -0.89 4.11
N PHE A 14 -4.82 0.40 4.15
CA PHE A 14 -4.97 1.19 2.88
C PHE A 14 -3.60 1.31 2.19
N ILE A 15 -2.54 1.46 2.96
CA ILE A 15 -1.16 1.57 2.36
C ILE A 15 -0.86 0.30 1.55
N THR A 16 -1.25 -0.86 2.04
CA THR A 16 -0.99 -2.13 1.28
C THR A 16 -1.73 -2.06 -0.07
N ARG A 17 -2.90 -1.47 -0.09
CA ARG A 17 -3.68 -1.33 -1.37
C ARG A 17 -2.87 -0.45 -2.34
N ALA A 18 -2.25 0.60 -1.84
CA ALA A 18 -1.45 1.52 -2.71
C ALA A 18 -0.17 0.81 -3.19
N GLU A 19 0.56 0.18 -2.29
CA GLU A 19 1.81 -0.55 -2.69
C GLU A 19 1.47 -1.72 -3.61
N ALA A 20 0.36 -2.39 -3.41
CA ALA A 20 -0.03 -3.54 -4.28
C ALA A 20 -0.04 -3.11 -5.75
N HIS A 21 -0.54 -1.92 -6.03
CA HIS A 21 -0.58 -1.42 -7.45
C HIS A 21 0.81 -0.98 -7.92
N LEU A 22 1.81 -0.97 -7.06
CA LEU A 22 3.19 -0.56 -7.47
C LEU A 22 4.19 -1.71 -7.24
N GLN A 23 3.72 -2.91 -7.01
CA GLN A 23 4.65 -4.06 -6.79
C GLN A 23 4.83 -4.85 -8.11
N VAL A 24 5.58 -5.92 -8.05
CA VAL A 24 5.86 -6.78 -9.26
C VAL A 24 6.25 -5.95 -10.50
N TRP A 25 6.83 -4.78 -10.29
CA TRP A 25 7.26 -3.88 -11.41
C TRP A 25 6.04 -3.54 -12.29
N ILE A 26 5.01 -2.98 -11.68
CA ILE A 26 3.77 -2.62 -12.43
C ILE A 26 3.47 -1.11 -12.36
N PRO A 27 4.43 -0.30 -12.75
CA PRO A 27 4.26 1.19 -12.74
C PRO A 27 3.17 1.71 -13.71
N PRO A 28 2.98 1.12 -14.89
CA PRO A 28 1.93 1.62 -15.84
C PRO A 28 0.51 1.42 -15.29
N LEU A 29 0.27 0.35 -14.55
CA LEU A 29 -1.09 0.06 -13.98
C LEU A 29 -2.17 0.00 -15.07
N ASN A 30 -1.81 -0.41 -16.28
CA ASN A 30 -2.78 -0.51 -17.42
C ASN A 30 -3.47 0.84 -17.68
N VAL A 31 -2.70 1.91 -17.79
CA VAL A 31 -3.27 3.27 -18.06
C VAL A 31 -2.62 3.86 -19.32
N ARG A 32 -3.44 4.28 -20.27
CA ARG A 32 -2.94 4.89 -21.56
C ARG A 32 -2.11 3.88 -22.37
N GLY A 33 -0.85 3.68 -22.01
CA GLY A 33 0.02 2.72 -22.76
C GLY A 33 1.38 3.36 -23.00
N LYS A 1 -5.48 4.50 25.78
CA LYS A 1 -5.16 5.56 24.77
C LYS A 1 -6.45 6.09 24.11
N LEU A 2 -6.34 7.14 23.34
CA LEU A 2 -7.55 7.72 22.66
C LEU A 2 -7.14 8.65 21.50
N PHE A 3 -8.07 8.99 20.63
CA PHE A 3 -7.82 9.89 19.46
C PHE A 3 -6.86 9.22 18.44
N LEU A 4 -5.60 9.08 18.78
CA LEU A 4 -4.63 8.44 17.83
C LEU A 4 -4.53 6.93 18.13
N ALA A 5 -3.57 6.26 17.52
CA ALA A 5 -3.37 4.77 17.73
C ALA A 5 -4.54 3.95 17.14
N ARG A 6 -5.50 4.57 16.49
CA ARG A 6 -6.65 3.84 15.89
C ARG A 6 -6.69 4.08 14.38
N LEU A 7 -6.70 5.35 13.99
CA LEU A 7 -6.73 5.68 12.53
C LEU A 7 -5.40 5.31 11.83
N ILE A 8 -4.34 5.09 12.59
CA ILE A 8 -3.03 4.71 11.96
C ILE A 8 -3.09 3.24 11.53
N TRP A 9 -3.65 2.38 12.36
CA TRP A 9 -3.77 0.93 12.01
C TRP A 9 -4.56 0.78 10.69
N TRP A 10 -5.63 1.53 10.54
CA TRP A 10 -6.44 1.45 9.28
C TRP A 10 -5.57 1.82 8.08
N LEU A 11 -4.84 2.90 8.19
CA LEU A 11 -3.93 3.34 7.08
C LEU A 11 -2.81 2.32 6.88
N GLN A 12 -2.33 1.73 7.95
CA GLN A 12 -1.23 0.70 7.84
C GLN A 12 -1.69 -0.45 6.93
N TYR A 13 -2.93 -0.87 7.06
CA TYR A 13 -3.46 -1.97 6.20
C TYR A 13 -3.68 -1.43 4.78
N PHE A 14 -4.15 -0.22 4.66
CA PHE A 14 -4.39 0.39 3.31
C PHE A 14 -3.08 0.47 2.50
N ILE A 15 -1.96 0.60 3.19
CA ILE A 15 -0.63 0.68 2.49
C ILE A 15 -0.43 -0.57 1.62
N THR A 16 -0.90 -1.73 2.07
CA THR A 16 -0.75 -2.98 1.27
C THR A 16 -1.51 -2.83 -0.05
N ARG A 17 -2.70 -2.27 0.00
CA ARG A 17 -3.51 -2.06 -1.25
C ARG A 17 -2.82 -1.01 -2.12
N ALA A 18 -2.26 0.02 -1.51
CA ALA A 18 -1.56 1.09 -2.29
C ALA A 18 -0.31 0.52 -2.99
N GLU A 19 0.36 -0.42 -2.36
CA GLU A 19 1.59 -1.04 -2.97
C GLU A 19 1.25 -1.65 -4.33
N ALA A 20 0.12 -2.33 -4.43
CA ALA A 20 -0.29 -2.94 -5.73
C ALA A 20 -0.46 -1.83 -6.78
N HIS A 21 -1.06 -0.72 -6.38
CA HIS A 21 -1.26 0.43 -7.32
C HIS A 21 0.08 1.15 -7.54
N LEU A 22 0.95 1.14 -6.55
CA LEU A 22 2.29 1.80 -6.64
C LEU A 22 3.09 1.31 -7.87
N GLN A 23 2.89 0.08 -8.29
CA GLN A 23 3.63 -0.45 -9.48
C GLN A 23 2.94 -0.03 -10.79
N VAL A 24 2.44 1.20 -10.88
CA VAL A 24 1.75 1.71 -12.11
C VAL A 24 0.74 0.66 -12.64
N TRP A 25 0.00 0.02 -11.75
CA TRP A 25 -1.00 -1.02 -12.15
C TRP A 25 -0.37 -2.10 -13.05
N ILE A 26 0.86 -2.47 -12.76
CA ILE A 26 1.57 -3.51 -13.57
C ILE A 26 2.24 -4.52 -12.61
N PRO A 27 1.84 -5.76 -12.70
CA PRO A 27 2.41 -6.83 -11.83
C PRO A 27 3.90 -7.17 -12.08
N PRO A 28 4.36 -7.21 -13.32
CA PRO A 28 5.80 -7.55 -13.58
C PRO A 28 6.75 -6.45 -13.06
N LEU A 29 8.01 -6.78 -12.95
CA LEU A 29 9.03 -5.80 -12.45
C LEU A 29 10.14 -5.56 -13.49
N ASN A 30 9.88 -5.84 -14.76
CA ASN A 30 10.90 -5.63 -15.84
C ASN A 30 10.27 -5.92 -17.22
N VAL A 31 10.21 -7.17 -17.62
CA VAL A 31 9.61 -7.53 -18.95
C VAL A 31 8.79 -8.83 -18.82
N ARG A 32 8.12 -9.01 -17.70
CA ARG A 32 7.29 -10.24 -17.50
C ARG A 32 5.81 -9.95 -17.76
N GLY A 33 4.93 -10.85 -17.39
CA GLY A 33 3.46 -10.65 -17.61
C GLY A 33 2.89 -9.76 -16.51
#